data_5KPL
#
_entry.id   5KPL
#
_cell.length_a   104.625
_cell.length_b   85.428
_cell.length_c   112.071
_cell.angle_alpha   90.000
_cell.angle_beta   95.080
_cell.angle_gamma   90.000
#
_symmetry.space_group_name_H-M   'C 1 2 1'
#
loop_
_entity.id
_entity.type
_entity.pdbx_description
1 polymer 'Glycogen synthase kinase-3 beta'
2 non-polymer (4~{S})-4-ethyl-7,7-dimethyl-4-phenyl-2,6,8,9-tetrahydropyrazolo[3,4-b]quinolin-5-one
3 water water
#
_entity_poly.entity_id   1
_entity_poly.type   'polypeptide(L)'
_entity_poly.pdbx_seq_one_letter_code
;GSPGMSGRPRTTSFAESCKPVQQPSAFGSMKVSRDKDGSKVTTVVATPGQGPDRPQEVSYTDTKVIGNGSFGVVYQAKLC
DSGELVAIKKVLQDKRFKNRELQIMRKLDHCNIVRLRYFFYSSGEKKDEVYLNLVLDYVPETVYRVARHYSRAKQTLPVI
YVKLYMYQLFRSLAYIHSFGICHRDIKPQNLLLDPDTAVLKLCDFGSAKQLVRGEPNVS(PTR)ICSRYYRAPELIFGAT
DYTSSIDVWSAGCVLAELLLGQPIFPGDSGVDQLVEIIKVLGTPTREQIREMNPNYTEFKFPQIKAHPWTKVFRPRTPPE
AIALCSRLLEYTPTARLTPLEACAHSFFDELRDPNVKLPNGRDTPALFNFTTQELSSNPPLATILIPPHARIQAAASTPT
NATAASDANTGDRGQTNNAASASASNST
;
_entity_poly.pdbx_strand_id   A,B
#
loop_
_chem_comp.id
_chem_comp.type
_chem_comp.name
_chem_comp.formula
6VL non-polymer (4~{S})-4-ethyl-7,7-dimethyl-4-phenyl-2,6,8,9-tetrahydropyrazolo[3,4-b]quinolin-5-one 'C20 H23 N3 O'
#
# COMPACT_ATOMS: atom_id res chain seq x y z
N LYS A 40 -10.20 -1.01 50.43
CA LYS A 40 -11.37 -0.44 49.69
C LYS A 40 -11.49 -1.01 48.26
N VAL A 41 -12.71 -1.39 47.88
CA VAL A 41 -12.97 -2.08 46.59
C VAL A 41 -14.00 -1.36 45.72
N THR A 42 -13.70 -1.25 44.43
CA THR A 42 -14.49 -0.48 43.50
C THR A 42 -14.95 -1.41 42.38
N THR A 43 -16.24 -1.41 42.14
CA THR A 43 -16.88 -2.33 41.21
C THR A 43 -17.69 -1.55 40.21
N VAL A 44 -17.48 -1.82 38.93
CA VAL A 44 -18.10 -1.02 37.87
C VAL A 44 -18.50 -1.89 36.74
N VAL A 45 -19.33 -1.35 35.86
CA VAL A 45 -19.82 -2.10 34.72
C VAL A 45 -19.12 -1.58 33.48
N ALA A 46 -18.27 -2.44 32.93
CA ALA A 46 -17.32 -2.07 31.91
C ALA A 46 -17.37 -2.99 30.72
N THR A 47 -17.19 -2.40 29.56
CA THR A 47 -17.29 -3.08 28.30
C THR A 47 -15.86 -3.45 27.89
N PRO A 48 -15.59 -4.72 27.52
CA PRO A 48 -14.24 -5.07 26.99
C PRO A 48 -13.83 -4.20 25.81
N GLY A 49 -12.53 -3.94 25.67
CA GLY A 49 -12.06 -2.97 24.67
C GLY A 49 -12.11 -3.54 23.27
N GLN A 50 -11.52 -4.72 23.13
CA GLN A 50 -11.68 -5.55 21.97
C GLN A 50 -12.58 -6.68 22.46
N GLY A 51 -13.56 -7.03 21.65
CA GLY A 51 -14.44 -8.14 21.96
C GLY A 51 -15.85 -7.62 22.03
N PRO A 52 -16.85 -8.54 22.09
CA PRO A 52 -18.25 -8.16 21.88
C PRO A 52 -18.74 -7.13 22.86
N ASP A 53 -19.67 -6.30 22.42
CA ASP A 53 -20.08 -5.11 23.17
C ASP A 53 -21.04 -5.43 24.34
N ARG A 54 -20.72 -6.41 25.18
CA ARG A 54 -21.58 -6.78 26.32
C ARG A 54 -20.92 -6.46 27.67
N PRO A 55 -21.50 -5.54 28.43
CA PRO A 55 -20.89 -5.13 29.70
C PRO A 55 -20.72 -6.22 30.74
N GLN A 56 -19.76 -6.05 31.64
CA GLN A 56 -19.66 -6.93 32.80
C GLN A 56 -19.14 -6.23 34.04
N GLU A 57 -19.49 -6.79 35.19
CA GLU A 57 -19.02 -6.32 36.49
C GLU A 57 -17.49 -6.50 36.51
N VAL A 58 -16.76 -5.39 36.71
CA VAL A 58 -15.29 -5.41 36.84
C VAL A 58 -14.96 -4.74 38.17
N SER A 59 -14.00 -5.31 38.89
CA SER A 59 -13.70 -4.90 40.27
C SER A 59 -12.21 -4.61 40.41
N TYR A 60 -11.89 -3.45 40.98
CA TYR A 60 -10.47 -3.10 41.26
C TYR A 60 -10.21 -2.45 42.62
N THR A 61 -8.94 -2.49 43.02
CA THR A 61 -8.50 -1.89 44.29
C THR A 61 -7.09 -1.28 44.18
N ASP A 62 -6.69 -0.55 45.23
CA ASP A 62 -5.34 0.06 45.38
C ASP A 62 -5.14 1.16 44.36
N THR A 63 -6.16 2.00 44.32
CA THR A 63 -6.31 3.02 43.31
C THR A 63 -5.49 4.17 43.83
N LYS A 64 -4.51 4.59 43.03
CA LYS A 64 -3.68 5.74 43.37
C LYS A 64 -3.54 6.61 42.13
N VAL A 65 -3.65 7.92 42.35
CA VAL A 65 -3.46 8.93 41.30
C VAL A 65 -1.99 8.92 40.91
N ILE A 66 -1.69 8.73 39.63
CA ILE A 66 -0.32 8.79 39.17
C ILE A 66 -0.30 9.46 37.84
N GLY A 67 -0.89 10.65 37.82
CA GLY A 67 -1.03 11.40 36.58
C GLY A 67 -2.02 12.55 36.63
N ASN A 68 -1.76 13.54 35.79
CA ASN A 68 -2.68 14.63 35.57
C ASN A 68 -2.20 15.31 34.29
N GLY A 69 -3.06 15.31 33.26
CA GLY A 69 -2.64 15.68 31.90
C GLY A 69 -3.73 16.33 31.05
N SER A 70 -3.42 16.51 29.76
CA SER A 70 -4.34 17.13 28.78
C SER A 70 -5.64 16.37 28.77
N PHE A 71 -5.49 15.08 28.51
CA PHE A 71 -6.54 14.04 28.55
C PHE A 71 -7.50 14.10 29.76
N GLY A 72 -7.19 13.41 30.85
CA GLY A 72 -7.60 13.85 32.18
C GLY A 72 -6.66 13.21 33.17
N VAL A 73 -7.22 12.56 34.18
CA VAL A 73 -6.44 12.01 35.30
C VAL A 73 -6.03 10.58 34.97
N VAL A 74 -4.88 10.12 35.39
CA VAL A 74 -4.54 8.73 35.26
C VAL A 74 -4.32 8.13 36.65
N TYR A 75 -4.92 6.97 36.89
CA TYR A 75 -4.81 6.26 38.14
C TYR A 75 -4.10 4.97 37.82
N GLN A 76 -3.46 4.37 38.82
CA GLN A 76 -3.09 2.98 38.73
C GLN A 76 -4.01 2.19 39.66
N ALA A 77 -4.28 0.93 39.32
CA ALA A 77 -5.10 0.06 40.13
C ALA A 77 -4.83 -1.42 39.88
N LYS A 78 -5.34 -2.23 40.79
CA LYS A 78 -5.20 -3.69 40.69
C LYS A 78 -6.58 -4.32 40.50
N LEU A 79 -6.73 -5.08 39.42
CA LEU A 79 -7.96 -5.88 39.17
C LEU A 79 -8.07 -7.03 40.21
N CYS A 80 -9.22 -7.15 40.87
CA CYS A 80 -9.41 -8.17 41.93
C CYS A 80 -9.38 -9.63 41.41
N ASP A 81 -9.92 -9.88 40.22
CA ASP A 81 -9.86 -11.19 39.59
C ASP A 81 -8.45 -11.66 39.44
N SER A 82 -7.73 -11.00 38.53
CA SER A 82 -6.43 -11.45 38.05
C SER A 82 -5.30 -10.99 38.98
N GLY A 83 -5.50 -9.91 39.73
CA GLY A 83 -4.40 -9.27 40.42
C GLY A 83 -3.47 -8.48 39.50
N GLU A 84 -3.76 -8.41 38.18
CA GLU A 84 -2.96 -7.59 37.25
C GLU A 84 -3.08 -6.09 37.57
N LEU A 85 -2.04 -5.38 37.16
CA LEU A 85 -1.96 -3.95 37.37
C LEU A 85 -2.51 -3.27 36.14
N VAL A 86 -3.18 -2.15 36.35
CA VAL A 86 -3.73 -1.42 35.25
C VAL A 86 -3.64 0.07 35.45
N ALA A 87 -3.58 0.76 34.31
CA ALA A 87 -3.75 2.19 34.27
C ALA A 87 -5.19 2.51 33.90
N ILE A 88 -5.78 3.51 34.56
CA ILE A 88 -7.11 3.98 34.27
C ILE A 88 -7.07 5.46 33.96
N LYS A 89 -7.33 5.82 32.70
CA LYS A 89 -7.45 7.22 32.30
C LYS A 89 -8.90 7.68 32.33
N LYS A 90 -9.20 8.66 33.16
CA LYS A 90 -10.57 9.22 33.33
C LYS A 90 -10.63 10.55 32.61
N VAL A 91 -11.61 10.75 31.72
CA VAL A 91 -11.71 11.98 30.92
C VAL A 91 -13.18 12.38 30.83
N LEU A 92 -13.47 13.64 31.15
CA LEU A 92 -14.81 14.19 31.07
C LEU A 92 -15.17 14.19 29.61
N GLN A 93 -16.34 13.63 29.31
CA GLN A 93 -16.79 13.38 27.94
C GLN A 93 -18.22 13.90 27.85
N ASP A 94 -18.42 14.90 26.98
CA ASP A 94 -19.75 15.42 26.66
C ASP A 94 -20.46 14.35 25.83
N LYS A 95 -21.66 13.95 26.24
CA LYS A 95 -22.40 12.90 25.52
C LYS A 95 -22.94 13.38 24.16
N ARG A 96 -22.85 14.69 23.90
CA ARG A 96 -22.80 15.25 22.53
C ARG A 96 -21.82 14.48 21.62
N PHE A 97 -20.56 14.44 22.04
CA PHE A 97 -19.46 13.96 21.20
C PHE A 97 -19.11 12.48 21.45
N LYS A 98 -18.69 11.80 20.39
CA LYS A 98 -18.00 10.51 20.50
C LYS A 98 -16.50 10.78 20.73
N ASN A 99 -15.84 9.91 21.51
CA ASN A 99 -14.46 10.14 21.95
C ASN A 99 -13.52 9.55 20.91
N ARG A 100 -12.55 10.34 20.44
CA ARG A 100 -11.68 9.89 19.34
C ARG A 100 -10.71 8.77 19.77
N GLU A 101 -10.20 8.91 20.99
CA GLU A 101 -9.23 7.97 21.53
C GLU A 101 -9.84 6.59 21.71
N LEU A 102 -10.99 6.55 22.36
CA LEU A 102 -11.75 5.30 22.50
C LEU A 102 -12.03 4.66 21.15
N GLN A 103 -12.59 5.41 20.21
CA GLN A 103 -12.84 4.86 18.88
C GLN A 103 -11.59 4.24 18.26
N ILE A 104 -10.45 4.89 18.49
CA ILE A 104 -9.19 4.37 18.00
C ILE A 104 -8.72 3.13 18.78
N MET A 105 -8.78 3.16 20.11
CA MET A 105 -8.24 2.03 20.93
C MET A 105 -8.95 0.68 20.74
N ARG A 106 -10.25 0.77 20.48
CA ARG A 106 -11.08 -0.40 20.19
C ARG A 106 -10.70 -1.15 18.94
N LYS A 107 -10.20 -0.44 17.93
CA LYS A 107 -9.66 -1.07 16.73
C LYS A 107 -8.36 -1.88 16.95
N LEU A 108 -7.63 -1.63 18.04
CA LEU A 108 -6.24 -2.08 18.11
C LEU A 108 -6.05 -3.35 18.93
N ASP A 109 -5.40 -4.36 18.35
CA ASP A 109 -4.87 -5.52 19.07
C ASP A 109 -3.50 -5.87 18.47
N HIS A 110 -2.45 -5.69 19.27
CA HIS A 110 -1.07 -5.92 18.84
C HIS A 110 -0.13 -6.10 20.05
N CYS A 111 0.85 -7.00 19.96
CA CYS A 111 1.75 -7.29 21.08
C CYS A 111 2.49 -6.01 21.62
N ASN A 112 2.80 -5.10 20.71
CA ASN A 112 3.50 -3.84 20.93
C ASN A 112 2.63 -2.59 21.03
N ILE A 113 1.37 -2.78 21.42
CA ILE A 113 0.52 -1.65 21.70
C ILE A 113 -0.22 -1.92 22.99
N VAL A 114 -0.28 -0.93 23.85
CA VAL A 114 -0.88 -1.03 25.14
C VAL A 114 -2.32 -1.38 24.90
N ARG A 115 -2.77 -2.49 25.50
CA ARG A 115 -4.14 -2.96 25.34
C ARG A 115 -5.15 -2.12 26.12
N LEU A 116 -6.29 -1.86 25.49
CA LEU A 116 -7.46 -1.41 26.18
C LEU A 116 -8.16 -2.66 26.69
N ARG A 117 -8.19 -2.83 28.00
CA ARG A 117 -8.82 -3.99 28.63
C ARG A 117 -10.31 -3.77 28.66
N TYR A 118 -10.71 -2.62 29.18
CA TYR A 118 -12.11 -2.28 29.45
C TYR A 118 -12.29 -0.78 29.30
N PHE A 119 -13.54 -0.35 29.20
CA PHE A 119 -13.92 1.08 29.37
C PHE A 119 -15.24 1.16 30.09
N PHE A 120 -15.47 2.26 30.78
CA PHE A 120 -16.71 2.46 31.49
C PHE A 120 -16.89 3.91 31.80
N TYR A 121 -18.11 4.26 32.21
CA TYR A 121 -18.45 5.63 32.54
C TYR A 121 -18.71 5.81 34.03
N SER A 122 -18.56 7.05 34.48
CA SER A 122 -18.80 7.42 35.89
C SER A 122 -19.20 8.90 35.95
N SER A 123 -19.49 9.43 37.14
CA SER A 123 -20.20 10.71 37.25
C SER A 123 -19.39 11.92 37.74
N LYS A 126 -21.34 16.05 40.44
CA LYS A 126 -22.69 15.57 40.18
C LYS A 126 -23.51 16.59 39.40
N LYS A 127 -22.88 17.24 38.42
CA LYS A 127 -23.53 18.30 37.63
C LYS A 127 -24.00 17.79 36.25
N ASP A 128 -24.38 16.51 36.20
CA ASP A 128 -24.56 15.77 34.93
C ASP A 128 -23.26 15.66 34.08
N GLU A 129 -22.13 15.55 34.78
CA GLU A 129 -20.85 15.29 34.16
C GLU A 129 -20.70 13.80 33.99
N VAL A 130 -20.46 13.37 32.76
CA VAL A 130 -20.14 11.99 32.46
C VAL A 130 -18.65 11.90 32.17
N TYR A 131 -17.94 11.02 32.89
CA TYR A 131 -16.51 10.70 32.66
C TYR A 131 -16.27 9.32 32.03
N LEU A 132 -15.51 9.29 30.92
CA LEU A 132 -15.06 8.06 30.29
C LEU A 132 -13.77 7.52 30.92
N ASN A 133 -13.78 6.27 31.38
CA ASN A 133 -12.61 5.64 31.94
C ASN A 133 -12.14 4.57 31.00
N LEU A 134 -10.88 4.67 30.60
CA LEU A 134 -10.19 3.67 29.78
C LEU A 134 -9.34 2.90 30.76
N VAL A 135 -9.30 1.58 30.63
CA VAL A 135 -8.58 0.72 31.57
C VAL A 135 -7.60 -0.01 30.70
N LEU A 136 -6.32 0.17 31.01
CA LEU A 136 -5.22 -0.16 30.13
C LEU A 136 -4.19 -0.98 30.83
N ASP A 137 -3.42 -1.75 30.06
CA ASP A 137 -2.22 -2.40 30.57
C ASP A 137 -1.35 -1.39 31.36
N TYR A 138 -0.90 -1.78 32.56
CA TYR A 138 0.16 -1.06 33.24
C TYR A 138 1.48 -1.69 32.90
N VAL A 139 2.51 -0.86 32.66
CA VAL A 139 3.85 -1.35 32.34
C VAL A 139 4.77 -0.45 33.16
N PRO A 140 5.73 -1.05 33.88
CA PRO A 140 6.34 -0.29 34.99
C PRO A 140 7.23 0.90 34.56
N GLU A 141 7.92 0.73 33.43
CA GLU A 141 8.91 1.69 32.95
C GLU A 141 8.64 2.19 31.54
N THR A 142 9.45 3.15 31.11
CA THR A 142 9.40 3.73 29.78
C THR A 142 10.77 3.93 29.21
N VAL A 143 10.82 4.12 27.90
CA VAL A 143 12.09 4.33 27.20
C VAL A 143 12.75 5.62 27.66
N TYR A 144 11.98 6.64 28.00
CA TYR A 144 12.56 7.86 28.57
C TYR A 144 13.33 7.55 29.85
N ARG A 145 12.69 6.84 30.76
CA ARG A 145 13.30 6.61 32.09
C ARG A 145 14.57 5.82 32.02
N VAL A 146 14.55 4.81 31.17
CA VAL A 146 15.71 3.95 31.01
C VAL A 146 16.78 4.74 30.33
N ALA A 147 16.47 5.34 29.19
CA ALA A 147 17.47 6.12 28.46
C ALA A 147 18.13 7.18 29.36
N ARG A 148 17.37 7.71 30.32
CA ARG A 148 17.88 8.71 31.26
C ARG A 148 18.83 8.11 32.27
N HIS A 149 18.49 6.94 32.82
CA HIS A 149 19.44 6.25 33.69
C HIS A 149 20.83 6.13 33.01
N TYR A 150 20.87 5.67 31.75
CA TYR A 150 22.16 5.53 31.02
C TYR A 150 22.87 6.85 30.80
N SER A 151 22.11 7.89 30.47
CA SER A 151 22.66 9.19 30.25
C SER A 151 23.17 9.83 31.52
N ARG A 152 22.46 9.66 32.64
CA ARG A 152 22.88 10.28 33.92
C ARG A 152 24.07 9.55 34.54
N ALA A 153 24.35 8.36 34.07
CA ALA A 153 25.56 7.62 34.41
C ALA A 153 26.61 7.69 33.27
N LYS A 154 26.45 8.64 32.35
CA LYS A 154 27.41 8.85 31.24
C LYS A 154 27.68 7.57 30.50
N GLN A 155 26.63 6.90 30.03
CA GLN A 155 26.78 5.66 29.23
C GLN A 155 25.82 5.57 28.07
N THR A 156 26.14 4.62 27.19
CA THR A 156 25.32 4.33 26.02
C THR A 156 24.46 3.10 26.35
N LEU A 157 23.26 3.11 25.81
CA LEU A 157 22.40 1.96 25.89
C LEU A 157 22.90 0.95 24.85
N PRO A 158 23.08 -0.34 25.26
CA PRO A 158 23.66 -1.30 24.35
C PRO A 158 22.85 -1.45 23.08
N VAL A 159 23.54 -1.46 21.95
CA VAL A 159 22.93 -1.49 20.65
C VAL A 159 21.85 -2.55 20.53
N ILE A 160 22.01 -3.67 21.22
CA ILE A 160 20.99 -4.73 21.18
C ILE A 160 19.61 -4.20 21.58
N TYR A 161 19.53 -3.45 22.67
CA TYR A 161 18.25 -2.90 23.11
C TYR A 161 17.72 -1.85 22.12
N VAL A 162 18.63 -1.06 21.58
CA VAL A 162 18.29 -0.14 20.50
C VAL A 162 17.64 -0.93 19.35
N LYS A 163 18.23 -2.03 18.93
CA LYS A 163 17.58 -2.85 17.91
C LYS A 163 16.20 -3.33 18.37
N LEU A 164 16.11 -3.84 19.59
CA LEU A 164 14.85 -4.44 20.05
C LEU A 164 13.75 -3.44 20.14
N TYR A 165 14.07 -2.31 20.72
CA TYR A 165 13.08 -1.31 21.00
C TYR A 165 12.57 -0.68 19.71
N MET A 166 13.52 -0.30 18.85
CA MET A 166 13.19 0.33 17.57
C MET A 166 12.44 -0.59 16.65
N TYR A 167 12.88 -1.84 16.56
CA TYR A 167 12.13 -2.84 15.81
C TYR A 167 10.67 -2.90 16.22
N GLN A 168 10.42 -3.04 17.52
CA GLN A 168 9.07 -3.16 18.06
C GLN A 168 8.34 -1.85 17.93
N LEU A 169 9.05 -0.74 17.94
CA LEU A 169 8.39 0.51 17.66
C LEU A 169 7.90 0.53 16.20
N PHE A 170 8.78 0.19 15.24
CA PHE A 170 8.34 0.10 13.83
C PHE A 170 7.17 -0.85 13.61
N ARG A 171 7.11 -1.98 14.30
CA ARG A 171 5.92 -2.82 14.16
C ARG A 171 4.71 -2.07 14.59
N SER A 172 4.76 -1.44 15.77
CA SER A 172 3.55 -0.81 16.30
C SER A 172 3.01 0.23 15.32
N LEU A 173 3.91 0.92 14.62
CA LEU A 173 3.56 1.92 13.63
C LEU A 173 3.14 1.33 12.25
N ALA A 174 3.85 0.31 11.79
CA ALA A 174 3.36 -0.45 10.65
C ALA A 174 1.83 -0.79 10.81
N TYR A 175 1.50 -1.28 12.01
CA TYR A 175 0.16 -1.73 12.31
C TYR A 175 -0.85 -0.60 12.43
N ILE A 176 -0.50 0.53 13.02
CA ILE A 176 -1.53 1.56 13.19
C ILE A 176 -1.75 2.33 11.94
N HIS A 177 -0.68 2.57 11.18
CA HIS A 177 -0.75 3.27 9.89
C HIS A 177 -1.58 2.53 8.85
N SER A 178 -1.47 1.20 8.86
CA SER A 178 -2.37 0.34 8.08
C SER A 178 -3.89 0.63 8.21
N PHE A 179 -4.34 1.27 9.28
CA PHE A 179 -5.72 1.82 9.38
C PHE A 179 -5.78 3.32 9.02
N GLY A 180 -4.67 3.92 8.57
CA GLY A 180 -4.55 5.38 8.46
C GLY A 180 -4.66 6.18 9.75
N ILE A 181 -4.37 5.52 10.88
CA ILE A 181 -4.20 6.14 12.19
C ILE A 181 -2.75 6.56 12.36
N CYS A 182 -2.53 7.84 12.63
CA CYS A 182 -1.21 8.42 12.88
C CYS A 182 -1.22 8.76 14.36
N HIS A 183 -0.14 8.37 15.06
CA HIS A 183 0.01 8.58 16.51
C HIS A 183 0.11 10.05 16.91
N ARG A 184 1.00 10.78 16.25
CA ARG A 184 1.17 12.23 16.42
C ARG A 184 1.76 12.67 17.76
N ASP A 185 2.42 11.75 18.41
CA ASP A 185 3.06 11.99 19.71
C ASP A 185 4.05 10.86 20.03
N ILE A 186 4.81 10.45 19.01
CA ILE A 186 5.86 9.48 19.16
C ILE A 186 7.01 10.23 19.84
N LYS A 187 7.40 9.67 21.00
CA LYS A 187 8.50 10.16 21.81
C LYS A 187 8.78 9.14 22.92
N PRO A 188 9.99 9.17 23.48
CA PRO A 188 10.38 8.12 24.43
C PRO A 188 9.55 8.00 25.69
N GLN A 189 8.92 9.09 26.12
CA GLN A 189 8.04 9.05 27.27
C GLN A 189 6.79 8.24 26.95
N ASN A 190 6.49 7.99 25.66
CA ASN A 190 5.27 7.26 25.26
C ASN A 190 5.56 5.83 24.80
N LEU A 191 6.76 5.33 25.10
CA LEU A 191 7.15 3.97 24.83
C LEU A 191 7.33 3.21 26.15
N LEU A 192 6.30 2.46 26.49
CA LEU A 192 6.30 1.61 27.68
C LEU A 192 7.24 0.45 27.47
N LEU A 193 7.78 0.00 28.59
CA LEU A 193 8.91 -0.91 28.58
C LEU A 193 8.92 -1.77 29.84
N ASP A 194 8.88 -3.08 29.61
CA ASP A 194 9.14 -4.11 30.63
C ASP A 194 10.64 -4.41 30.55
N PRO A 195 11.39 -4.08 31.62
CA PRO A 195 12.83 -4.34 31.58
C PRO A 195 13.24 -5.83 31.51
N ASP A 196 12.49 -6.72 32.16
CA ASP A 196 12.85 -8.15 32.16
C ASP A 196 12.67 -8.81 30.80
N THR A 197 11.56 -8.51 30.13
CA THR A 197 11.18 -9.18 28.86
C THR A 197 11.62 -8.46 27.60
N ALA A 198 12.07 -7.22 27.75
CA ALA A 198 12.40 -6.32 26.64
C ALA A 198 11.22 -6.04 25.67
N VAL A 199 9.99 -6.18 26.15
CA VAL A 199 8.81 -5.91 25.35
C VAL A 199 8.51 -4.44 25.43
N LEU A 200 8.34 -3.85 24.26
CA LEU A 200 8.06 -2.42 24.14
C LEU A 200 6.61 -2.22 23.72
N LYS A 201 5.94 -1.22 24.29
CA LYS A 201 4.51 -0.96 23.99
C LYS A 201 4.23 0.52 23.80
N LEU A 202 3.64 0.84 22.65
CA LEU A 202 3.27 2.21 22.31
C LEU A 202 2.03 2.53 23.10
N CYS A 203 2.00 3.69 23.75
N CYS A 203 2.00 3.69 23.77
CA CYS A 203 0.85 4.08 24.59
CA CYS A 203 0.87 4.09 24.65
C CYS A 203 0.49 5.53 24.32
C CYS A 203 0.50 5.53 24.35
N ASP A 204 -0.55 6.00 24.99
CA ASP A 204 -1.04 7.38 24.87
C ASP A 204 -1.40 7.77 23.45
N PHE A 205 -2.61 7.38 23.07
CA PHE A 205 -3.24 7.74 21.79
C PHE A 205 -4.11 9.00 21.84
N GLY A 206 -3.93 9.85 22.85
CA GLY A 206 -4.74 11.07 22.98
C GLY A 206 -4.57 12.13 21.88
N SER A 207 -3.45 12.07 21.17
CA SER A 207 -3.16 12.89 20.02
C SER A 207 -3.40 12.14 18.72
N ALA A 208 -3.67 10.85 18.78
CA ALA A 208 -3.77 10.05 17.58
C ALA A 208 -5.09 10.37 16.82
N LYS A 209 -5.15 9.99 15.56
CA LYS A 209 -6.26 10.39 14.69
C LYS A 209 -6.22 9.65 13.41
N GLN A 210 -7.37 9.12 12.96
CA GLN A 210 -7.51 8.59 11.58
C GLN A 210 -7.25 9.72 10.59
N LEU A 211 -6.19 9.68 9.82
CA LEU A 211 -6.00 10.69 8.77
C LEU A 211 -6.86 10.38 7.53
N VAL A 212 -7.53 11.42 7.03
CA VAL A 212 -8.45 11.33 5.89
C VAL A 212 -7.89 12.22 4.80
N ARG A 213 -7.37 11.64 3.70
CA ARG A 213 -6.90 12.47 2.55
C ARG A 213 -8.01 13.45 2.16
N GLY A 214 -7.68 14.73 2.04
CA GLY A 214 -8.71 15.76 1.89
C GLY A 214 -8.99 16.69 3.07
N GLU A 215 -8.93 16.19 4.32
CA GLU A 215 -9.29 17.03 5.51
C GLU A 215 -8.07 17.57 6.26
N PRO A 216 -8.01 18.91 6.47
CA PRO A 216 -6.82 19.49 7.13
C PRO A 216 -6.60 18.97 8.56
N ASN A 217 -5.34 18.93 8.99
CA ASN A 217 -4.99 18.45 10.31
C ASN A 217 -4.09 19.47 10.97
N VAL A 218 -4.28 19.68 12.27
CA VAL A 218 -3.53 20.72 12.99
C VAL A 218 -2.03 20.43 12.85
N SER A 219 -1.22 21.49 12.66
CA SER A 219 0.20 21.36 12.39
C SER A 219 1.08 21.35 13.64
N PTR A 220 0.62 22.00 14.70
CA PTR A 220 1.39 22.11 15.94
C PTR A 220 1.00 20.95 16.79
O PTR A 220 0.15 21.06 17.65
CB PTR A 220 1.11 23.44 16.59
CG PTR A 220 2.11 23.74 17.67
CD1 PTR A 220 3.41 24.21 17.33
CD2 PTR A 220 1.73 23.59 19.02
CE1 PTR A 220 4.35 24.51 18.33
CE2 PTR A 220 2.66 23.88 20.02
CZ PTR A 220 3.95 24.34 19.68
OH PTR A 220 4.79 24.65 20.74
P PTR A 220 6.13 23.86 21.06
O1P PTR A 220 6.77 24.55 22.22
O2P PTR A 220 6.98 24.02 19.79
O3P PTR A 220 5.47 22.56 21.42
N ILE A 221 1.62 19.82 16.48
CA ILE A 221 1.36 18.52 17.09
C ILE A 221 2.71 17.82 17.26
N CYS A 222 2.82 16.71 18.00
CA CYS A 222 4.13 16.15 18.48
C CYS A 222 4.86 17.10 19.41
N SER A 223 5.78 16.56 20.22
CA SER A 223 6.71 17.37 21.00
C SER A 223 7.78 17.81 20.06
N ARG A 224 8.29 19.01 20.35
CA ARG A 224 9.06 19.80 19.43
C ARG A 224 10.25 19.04 18.86
N TYR A 225 10.99 18.42 19.78
CA TYR A 225 12.24 17.75 19.46
C TYR A 225 12.05 16.60 18.48
N TYR A 226 10.84 16.07 18.45
CA TYR A 226 10.46 14.92 17.64
C TYR A 226 9.60 15.34 16.46
N ARG A 227 9.44 16.65 16.23
CA ARG A 227 8.42 17.18 15.28
C ARG A 227 9.00 17.24 13.89
N ALA A 228 8.29 16.61 12.96
CA ALA A 228 8.70 16.55 11.56
C ALA A 228 8.76 17.94 10.96
N PRO A 229 9.65 18.17 9.99
CA PRO A 229 9.78 19.51 9.40
C PRO A 229 8.56 20.04 8.62
N GLU A 230 7.84 19.22 7.88
CA GLU A 230 6.51 19.64 7.38
C GLU A 230 5.75 20.44 8.46
N LEU A 231 5.63 19.86 9.65
CA LEU A 231 4.80 20.39 10.68
C LEU A 231 5.34 21.71 11.15
N ILE A 232 6.65 21.80 11.30
CA ILE A 232 7.27 23.07 11.62
C ILE A 232 6.86 24.13 10.58
N PHE A 233 6.90 23.73 9.30
CA PHE A 233 6.47 24.56 8.19
C PHE A 233 4.95 24.79 8.11
N GLY A 234 4.16 24.30 9.06
CA GLY A 234 2.69 24.55 9.08
C GLY A 234 1.80 23.73 8.14
N ALA A 235 2.37 22.72 7.47
CA ALA A 235 1.59 21.76 6.70
C ALA A 235 0.33 21.33 7.45
N THR A 236 -0.76 21.24 6.72
CA THR A 236 -1.98 20.67 7.25
C THR A 236 -2.40 19.45 6.48
N ASP A 237 -1.59 19.05 5.50
CA ASP A 237 -1.84 17.89 4.60
C ASP A 237 -0.74 16.80 4.77
N TYR A 238 -0.35 16.57 6.02
CA TYR A 238 0.76 15.70 6.36
C TYR A 238 0.31 14.25 6.47
N THR A 239 1.26 13.32 6.34
CA THR A 239 0.90 11.89 6.39
C THR A 239 1.42 11.22 7.66
N SER A 240 0.94 10.03 7.91
CA SER A 240 1.49 9.17 8.96
C SER A 240 3.03 9.10 8.99
N SER A 241 3.72 9.49 7.91
CA SER A 241 5.19 9.60 7.90
C SER A 241 5.82 10.64 8.89
N ILE A 242 5.01 11.50 9.46
CA ILE A 242 5.48 12.26 10.61
C ILE A 242 5.90 11.35 11.80
N ASP A 243 5.18 10.24 12.03
CA ASP A 243 5.58 9.27 13.06
C ASP A 243 6.95 8.65 12.75
N VAL A 244 7.25 8.49 11.48
CA VAL A 244 8.53 7.93 11.10
C VAL A 244 9.71 8.89 11.35
N TRP A 245 9.50 10.17 11.08
CA TRP A 245 10.52 11.14 11.39
C TRP A 245 10.73 11.08 12.89
N SER A 246 9.63 11.04 13.62
CA SER A 246 9.67 11.02 15.08
C SER A 246 10.43 9.81 15.55
N ALA A 247 10.13 8.65 14.96
CA ALA A 247 10.82 7.44 15.35
C ALA A 247 12.35 7.56 15.08
N GLY A 248 12.71 8.07 13.92
CA GLY A 248 14.10 8.43 13.64
C GLY A 248 14.76 9.27 14.72
N CYS A 249 14.06 10.28 15.21
CA CYS A 249 14.52 11.07 16.38
C CYS A 249 14.75 10.21 17.63
N VAL A 250 13.86 9.25 17.90
CA VAL A 250 14.12 8.32 19.01
C VAL A 250 15.40 7.51 18.78
N LEU A 251 15.47 6.75 17.68
CA LEU A 251 16.70 6.03 17.31
C LEU A 251 17.96 6.84 17.61
N ALA A 252 18.07 8.01 16.99
CA ALA A 252 19.24 8.87 17.19
C ALA A 252 19.50 9.20 18.66
N GLU A 253 18.44 9.54 19.38
CA GLU A 253 18.53 9.86 20.79
C GLU A 253 19.18 8.71 21.59
N LEU A 254 18.73 7.50 21.30
CA LEU A 254 19.26 6.28 21.91
C LEU A 254 20.72 6.04 21.59
N LEU A 255 21.12 6.27 20.33
CA LEU A 255 22.54 6.28 19.91
C LEU A 255 23.38 7.41 20.51
N LEU A 256 22.82 8.60 20.65
CA LEU A 256 23.56 9.75 21.15
C LEU A 256 23.55 9.95 22.67
N GLY A 257 22.52 9.50 23.34
CA GLY A 257 22.40 9.72 24.78
C GLY A 257 21.74 11.01 25.13
N GLN A 258 21.20 11.70 24.12
CA GLN A 258 20.47 12.97 24.30
C GLN A 258 19.69 13.30 23.01
N PRO A 259 18.65 14.12 23.12
CA PRO A 259 17.88 14.39 21.89
C PRO A 259 18.71 15.03 20.79
N ILE A 260 18.54 14.59 19.56
CA ILE A 260 19.32 15.11 18.45
C ILE A 260 19.01 16.55 18.03
N PHE A 261 17.73 16.94 18.06
CA PHE A 261 17.32 18.28 17.65
C PHE A 261 16.63 19.04 18.79
N PRO A 262 17.41 19.47 19.79
CA PRO A 262 16.81 20.19 20.90
C PRO A 262 16.64 21.68 20.57
N GLY A 263 15.68 22.01 19.72
CA GLY A 263 15.44 23.40 19.29
C GLY A 263 14.79 24.29 20.32
N ASP A 264 14.81 25.60 20.03
CA ASP A 264 14.30 26.66 20.95
C ASP A 264 12.79 26.93 20.85
N SER A 265 12.24 26.96 19.64
CA SER A 265 10.91 27.54 19.41
C SER A 265 10.17 26.73 18.35
N GLY A 266 9.18 27.39 17.73
CA GLY A 266 8.76 27.03 16.37
C GLY A 266 9.94 26.94 15.40
N VAL A 267 10.55 28.07 15.06
CA VAL A 267 11.40 28.13 13.84
C VAL A 267 12.87 27.83 14.06
N ASP A 268 13.34 28.02 15.29
CA ASP A 268 14.68 27.57 15.67
C ASP A 268 14.76 26.06 15.64
N GLN A 269 13.62 25.39 15.82
CA GLN A 269 13.62 23.93 15.71
C GLN A 269 14.08 23.49 14.32
N LEU A 270 13.81 24.30 13.31
CA LEU A 270 14.32 24.00 11.99
C LEU A 270 15.77 24.31 11.86
N VAL A 271 16.21 25.38 12.50
CA VAL A 271 17.66 25.70 12.53
C VAL A 271 18.49 24.51 13.09
N GLU A 272 18.05 23.95 14.23
CA GLU A 272 18.70 22.78 14.83
C GLU A 272 18.73 21.59 13.91
N ILE A 273 17.62 21.36 13.24
CA ILE A 273 17.57 20.32 12.24
C ILE A 273 18.65 20.57 11.17
N ILE A 274 18.64 21.78 10.61
CA ILE A 274 19.57 22.17 9.58
C ILE A 274 21.02 22.07 10.04
N LYS A 275 21.31 22.40 11.29
CA LYS A 275 22.68 22.23 11.78
C LYS A 275 23.26 20.86 11.36
N VAL A 276 22.42 19.83 11.40
CA VAL A 276 22.80 18.47 11.11
C VAL A 276 22.55 18.08 9.64
N LEU A 277 21.35 18.32 9.14
CA LEU A 277 21.03 17.84 7.79
C LEU A 277 21.47 18.80 6.68
N GLY A 278 22.03 19.95 7.04
CA GLY A 278 22.29 20.98 6.05
C GLY A 278 20.99 21.54 5.56
N THR A 279 21.10 22.55 4.71
CA THR A 279 19.94 23.32 4.22
C THR A 279 19.18 22.52 3.18
N PRO A 280 17.83 22.46 3.27
CA PRO A 280 17.10 21.66 2.30
C PRO A 280 17.05 22.35 0.97
N THR A 281 17.00 21.56 -0.10
CA THR A 281 16.97 22.07 -1.46
C THR A 281 15.57 22.58 -1.79
N ARG A 282 15.45 23.24 -2.94
CA ARG A 282 14.18 23.86 -3.35
C ARG A 282 13.05 22.85 -3.43
N GLU A 283 13.33 21.71 -4.07
CA GLU A 283 12.34 20.63 -4.17
C GLU A 283 11.87 20.10 -2.80
N GLN A 284 12.83 19.83 -1.92
CA GLN A 284 12.54 19.33 -0.58
C GLN A 284 11.56 20.23 0.20
N ILE A 285 11.69 21.53 -0.03
CA ILE A 285 10.79 22.49 0.60
C ILE A 285 9.41 22.34 0.04
N ARG A 286 9.32 22.31 -1.29
CA ARG A 286 8.05 22.20 -1.98
C ARG A 286 7.34 20.91 -1.56
N GLU A 287 8.09 19.80 -1.46
CA GLU A 287 7.51 18.52 -0.98
C GLU A 287 7.03 18.55 0.51
N MET A 288 7.64 19.42 1.33
CA MET A 288 7.19 19.61 2.71
C MET A 288 5.96 20.51 2.80
N ASN A 289 6.05 21.70 2.18
CA ASN A 289 4.91 22.65 2.00
C ASN A 289 5.33 23.99 1.32
N PRO A 290 4.57 24.45 0.27
CA PRO A 290 4.66 25.86 -0.21
C PRO A 290 3.48 26.74 0.26
N PRO A 298 19.05 30.57 4.13
CA PRO A 298 19.64 30.24 5.45
C PRO A 298 20.61 29.02 5.33
N GLN A 299 21.82 29.30 4.82
CA GLN A 299 22.66 28.28 4.13
C GLN A 299 23.80 27.61 4.96
N ILE A 300 23.60 26.33 5.30
CA ILE A 300 24.58 25.50 6.00
C ILE A 300 24.78 24.19 5.21
N LYS A 301 26.02 23.69 5.14
CA LYS A 301 26.31 22.38 4.53
C LYS A 301 25.85 21.20 5.39
N ALA A 302 25.43 20.12 4.75
CA ALA A 302 25.04 18.90 5.48
C ALA A 302 26.25 18.38 6.25
N HIS A 303 26.15 18.36 7.58
CA HIS A 303 27.15 17.74 8.43
C HIS A 303 27.12 16.20 8.21
N PRO A 304 28.25 15.56 7.81
CA PRO A 304 28.22 14.14 7.36
C PRO A 304 27.77 13.16 8.46
N TRP A 305 26.79 12.32 8.13
CA TRP A 305 26.08 11.53 9.15
C TRP A 305 27.00 10.82 10.11
N THR A 306 27.98 10.15 9.53
CA THR A 306 29.12 9.57 10.26
C THR A 306 29.61 10.41 11.45
N LYS A 307 29.84 11.71 11.24
CA LYS A 307 30.43 12.59 12.30
C LYS A 307 29.42 13.12 13.34
N VAL A 308 28.18 12.64 13.27
CA VAL A 308 27.15 13.04 14.22
C VAL A 308 27.28 12.20 15.48
N PHE A 309 27.34 10.91 15.28
CA PHE A 309 27.38 9.98 16.38
C PHE A 309 28.81 9.72 16.82
N ARG A 310 28.98 9.33 18.08
CA ARG A 310 30.28 8.93 18.57
C ARG A 310 30.84 7.84 17.66
N PRO A 311 32.18 7.74 17.56
CA PRO A 311 32.73 6.70 16.69
C PRO A 311 32.51 5.30 17.29
N ARG A 312 32.62 4.31 16.41
CA ARG A 312 32.28 2.90 16.71
C ARG A 312 30.77 2.77 16.93
N THR A 313 30.01 3.63 16.27
CA THR A 313 28.57 3.47 16.18
C THR A 313 28.34 2.61 14.94
N PRO A 314 27.55 1.55 15.06
CA PRO A 314 27.37 0.70 13.86
C PRO A 314 26.95 1.48 12.61
N PRO A 315 27.66 1.29 11.50
CA PRO A 315 27.31 2.06 10.27
C PRO A 315 25.88 1.86 9.71
N GLU A 316 25.25 0.73 10.04
CA GLU A 316 23.88 0.43 9.55
C GLU A 316 22.82 1.13 10.42
N ALA A 317 23.18 1.45 11.68
CA ALA A 317 22.33 2.26 12.56
C ALA A 317 22.25 3.70 12.02
N ILE A 318 23.42 4.22 11.67
CA ILE A 318 23.57 5.51 10.99
C ILE A 318 22.93 5.54 9.63
N ALA A 319 22.97 4.41 8.93
CA ALA A 319 22.31 4.27 7.65
C ALA A 319 20.83 4.38 7.82
N LEU A 320 20.29 3.70 8.84
CA LEU A 320 18.85 3.72 9.11
C LEU A 320 18.41 5.18 9.46
N CYS A 321 19.20 5.79 10.32
CA CYS A 321 18.90 7.13 10.74
C CYS A 321 18.69 8.03 9.54
N SER A 322 19.70 8.06 8.69
CA SER A 322 19.70 8.84 7.45
C SER A 322 18.53 8.54 6.51
N ARG A 323 17.98 7.33 6.54
CA ARG A 323 16.77 7.00 5.77
C ARG A 323 15.42 7.25 6.46
N LEU A 324 15.47 7.58 7.76
CA LEU A 324 14.29 8.06 8.50
C LEU A 324 14.24 9.60 8.57
N LEU A 325 15.38 10.24 8.77
CA LEU A 325 15.45 11.67 8.99
C LEU A 325 15.72 12.34 7.66
N GLU A 326 14.67 12.30 6.84
CA GLU A 326 14.69 12.90 5.53
C GLU A 326 13.71 14.10 5.53
N TYR A 327 14.17 15.20 4.92
CA TYR A 327 13.33 16.36 4.65
C TYR A 327 12.06 15.98 3.93
N THR A 328 12.18 15.18 2.86
CA THR A 328 11.04 14.86 2.01
C THR A 328 10.24 13.75 2.66
N PRO A 329 8.99 14.01 3.05
CA PRO A 329 8.21 12.96 3.74
C PRO A 329 8.17 11.62 3.06
N THR A 330 7.89 11.62 1.75
CA THR A 330 7.85 10.37 0.96
C THR A 330 9.19 9.67 0.79
N ALA A 331 10.30 10.40 0.90
CA ALA A 331 11.64 9.78 0.90
C ALA A 331 11.97 8.95 2.15
N ARG A 332 11.18 9.12 3.22
CA ARG A 332 11.37 8.36 4.46
C ARG A 332 10.88 6.96 4.27
N LEU A 333 11.57 6.02 4.91
CA LEU A 333 11.10 4.62 4.89
C LEU A 333 9.66 4.49 5.44
N THR A 334 8.90 3.52 4.94
CA THR A 334 7.71 3.08 5.64
C THR A 334 8.17 2.38 6.93
N PRO A 335 7.28 2.28 7.94
CA PRO A 335 7.55 1.51 9.14
C PRO A 335 8.02 0.11 8.82
N LEU A 336 7.33 -0.52 7.88
CA LEU A 336 7.63 -1.91 7.49
C LEU A 336 8.97 -2.04 6.78
N GLU A 337 9.25 -1.14 5.85
CA GLU A 337 10.57 -1.08 5.21
C GLU A 337 11.69 -0.98 6.27
N ALA A 338 11.45 -0.10 7.24
CA ALA A 338 12.34 0.15 8.38
C ALA A 338 12.60 -1.11 9.22
N CYS A 339 11.56 -1.87 9.55
CA CYS A 339 11.74 -3.22 10.17
C CYS A 339 12.55 -4.18 9.29
N ALA A 340 12.37 -4.10 7.97
CA ALA A 340 13.14 -4.92 7.04
C ALA A 340 14.60 -4.55 6.97
N HIS A 341 14.98 -3.39 7.51
CA HIS A 341 16.32 -2.87 7.32
C HIS A 341 17.41 -3.77 7.93
N SER A 342 18.59 -3.71 7.35
CA SER A 342 19.75 -4.52 7.75
C SER A 342 20.14 -4.38 9.24
N PHE A 343 20.20 -3.15 9.76
CA PHE A 343 20.21 -2.86 11.23
C PHE A 343 19.48 -3.87 12.14
N PHE A 344 18.33 -4.35 11.70
CA PHE A 344 17.59 -5.37 12.47
C PHE A 344 17.88 -6.83 12.10
N ASP A 345 18.95 -7.11 11.34
CA ASP A 345 19.26 -8.49 10.90
C ASP A 345 19.60 -9.40 12.10
N GLU A 346 20.42 -8.91 13.05
CA GLU A 346 20.72 -9.66 14.29
C GLU A 346 19.47 -10.21 14.99
N LEU A 347 18.34 -9.54 14.87
CA LEU A 347 17.10 -10.06 15.46
C LEU A 347 16.57 -11.29 14.70
N ARG A 348 16.86 -11.35 13.40
CA ARG A 348 16.46 -12.47 12.55
C ARG A 348 17.46 -13.64 12.56
N ASP A 349 18.56 -13.47 13.28
CA ASP A 349 19.45 -14.56 13.69
C ASP A 349 18.69 -15.51 14.61
N PRO A 350 18.78 -16.83 14.33
CA PRO A 350 18.01 -17.77 15.19
C PRO A 350 18.62 -18.06 16.57
N ASN A 351 19.86 -17.64 16.82
CA ASN A 351 20.52 -17.80 18.15
C ASN A 351 20.33 -16.61 19.07
N VAL A 352 19.82 -15.49 18.52
CA VAL A 352 19.70 -14.23 19.23
C VAL A 352 19.00 -14.36 20.59
N LYS A 353 19.68 -13.91 21.65
CA LYS A 353 19.13 -13.98 23.00
C LYS A 353 19.20 -12.63 23.63
N LEU A 354 18.36 -12.44 24.63
CA LEU A 354 18.44 -11.29 25.50
C LEU A 354 19.80 -11.32 26.18
N PRO A 355 20.28 -10.16 26.62
CA PRO A 355 21.41 -10.17 27.49
C PRO A 355 21.23 -11.05 28.75
N ASN A 356 20.12 -10.91 29.47
CA ASN A 356 19.87 -11.75 30.65
C ASN A 356 19.67 -13.24 30.30
N GLY A 357 19.69 -13.57 29.01
CA GLY A 357 19.85 -14.95 28.55
C GLY A 357 18.58 -15.59 28.04
N ARG A 358 17.43 -14.97 28.38
CA ARG A 358 16.11 -15.40 27.94
C ARG A 358 15.89 -15.20 26.46
N ASP A 359 14.79 -15.76 25.97
CA ASP A 359 14.40 -15.62 24.58
C ASP A 359 13.96 -14.20 24.33
N THR A 360 14.19 -13.74 23.11
CA THR A 360 13.58 -12.50 22.64
C THR A 360 12.07 -12.62 22.71
N PRO A 361 11.40 -11.49 22.87
CA PRO A 361 9.96 -11.52 22.74
C PRO A 361 9.54 -11.78 21.29
N ALA A 362 8.23 -11.82 21.09
CA ALA A 362 7.59 -12.08 19.81
C ALA A 362 8.02 -11.03 18.82
N LEU A 363 8.67 -11.44 17.72
CA LEU A 363 9.10 -10.48 16.71
C LEU A 363 8.57 -10.73 15.31
N PHE A 364 7.92 -11.88 15.09
CA PHE A 364 7.61 -12.35 13.72
C PHE A 364 6.18 -12.73 13.49
N ASN A 365 5.35 -12.61 14.53
CA ASN A 365 3.98 -13.10 14.53
C ASN A 365 3.08 -12.07 13.85
N PHE A 366 3.48 -11.73 12.62
CA PHE A 366 2.86 -10.68 11.80
C PHE A 366 1.47 -11.05 11.36
N THR A 367 0.56 -10.09 11.35
CA THR A 367 -0.76 -10.28 10.72
C THR A 367 -0.79 -9.65 9.34
N THR A 368 -1.85 -10.01 8.63
CA THR A 368 -2.11 -9.54 7.29
C THR A 368 -2.41 -8.05 7.34
N GLN A 369 -3.22 -7.62 8.31
CA GLN A 369 -3.37 -6.18 8.62
C GLN A 369 -2.00 -5.51 8.63
N GLU A 370 -1.11 -6.07 9.42
CA GLU A 370 0.23 -5.53 9.62
C GLU A 370 1.10 -5.58 8.36
N LEU A 371 0.93 -6.64 7.54
CA LEU A 371 1.64 -6.76 6.25
C LEU A 371 0.97 -6.06 5.01
N SER A 372 -0.22 -5.48 5.20
CA SER A 372 -0.96 -4.65 4.21
C SER A 372 -0.15 -3.86 3.20
N SER A 373 0.73 -3.02 3.70
CA SER A 373 1.37 -2.00 2.86
C SER A 373 2.43 -2.55 1.88
N ASN A 374 2.94 -3.77 2.11
CA ASN A 374 3.90 -4.43 1.21
C ASN A 374 4.14 -5.90 1.59
N PRO A 375 3.20 -6.79 1.22
CA PRO A 375 3.31 -8.24 1.53
C PRO A 375 4.57 -9.01 1.07
N PRO A 376 5.16 -8.65 -0.11
CA PRO A 376 6.46 -9.24 -0.50
C PRO A 376 7.62 -9.12 0.53
N LEU A 377 7.57 -8.09 1.38
CA LEU A 377 8.52 -7.97 2.48
C LEU A 377 8.43 -9.11 3.52
N ALA A 378 7.29 -9.78 3.63
CA ALA A 378 7.18 -11.02 4.46
C ALA A 378 8.35 -12.01 4.26
N THR A 379 8.81 -12.15 3.01
CA THR A 379 9.95 -13.00 2.70
C THR A 379 11.22 -12.59 3.45
N ILE A 380 11.44 -11.28 3.59
CA ILE A 380 12.60 -10.76 4.37
C ILE A 380 12.37 -10.72 5.89
N LEU A 381 11.13 -10.44 6.31
CA LEU A 381 10.79 -10.18 7.72
C LEU A 381 10.56 -11.40 8.53
N ILE A 382 9.81 -12.35 7.99
CA ILE A 382 9.66 -13.66 8.63
C ILE A 382 10.77 -14.51 8.03
N PRO A 383 11.84 -14.78 8.83
CA PRO A 383 12.98 -15.51 8.32
C PRO A 383 12.73 -17.02 8.37
N PRO A 384 13.54 -17.81 7.64
CA PRO A 384 13.30 -19.26 7.53
C PRO A 384 12.90 -19.96 8.85
N HIS A 385 13.69 -19.77 9.89
CA HIS A 385 13.54 -20.56 11.12
C HIS A 385 12.26 -20.43 11.96
N ALA A 386 11.26 -19.68 11.51
CA ALA A 386 10.03 -19.56 12.31
C ALA A 386 8.81 -19.47 11.42
N ARG A 387 8.14 -20.61 11.23
CA ARG A 387 6.87 -20.70 10.52
C ARG A 387 5.85 -21.48 11.39
N ILE A 388 6.08 -22.79 11.56
CA ILE A 388 5.16 -23.72 12.27
C ILE A 388 5.80 -24.21 13.57
N LYS B 40 7.28 -24.39 -46.00
CA LYS B 40 8.70 -24.20 -45.55
C LYS B 40 8.80 -24.09 -44.02
N VAL B 41 9.55 -25.00 -43.41
CA VAL B 41 9.68 -25.09 -41.95
C VAL B 41 10.87 -24.26 -41.41
N THR B 42 10.61 -23.47 -40.36
CA THR B 42 11.66 -22.78 -39.59
C THR B 42 11.90 -23.51 -38.27
N THR B 43 13.17 -23.57 -37.87
CA THR B 43 13.58 -24.35 -36.70
C THR B 43 14.61 -23.58 -35.91
N VAL B 44 14.31 -23.35 -34.65
CA VAL B 44 15.20 -22.52 -33.83
C VAL B 44 15.42 -23.19 -32.50
N VAL B 45 16.36 -22.63 -31.73
CA VAL B 45 16.64 -23.10 -30.44
C VAL B 45 16.08 -22.10 -29.46
N ALA B 46 15.01 -22.51 -28.77
CA ALA B 46 14.28 -21.61 -27.85
C ALA B 46 14.18 -22.10 -26.43
N THR B 47 14.19 -21.17 -25.50
CA THR B 47 14.08 -21.46 -24.07
C THR B 47 12.62 -21.31 -23.72
N PRO B 48 12.04 -22.26 -22.99
CA PRO B 48 10.63 -22.06 -22.55
C PRO B 48 10.52 -20.83 -21.66
N GLY B 49 9.40 -20.15 -21.77
CA GLY B 49 9.27 -18.85 -21.13
C GLY B 49 9.18 -19.00 -19.64
N GLN B 50 8.27 -19.87 -19.21
CA GLN B 50 7.97 -20.11 -17.81
C GLN B 50 8.17 -21.60 -17.61
N GLY B 51 9.46 -21.95 -17.57
CA GLY B 51 9.92 -23.30 -17.29
C GLY B 51 11.39 -23.12 -16.97
N PRO B 52 12.15 -24.23 -16.84
CA PRO B 52 13.58 -24.15 -16.48
C PRO B 52 14.41 -23.75 -17.69
N ASP B 53 15.55 -23.12 -17.44
CA ASP B 53 16.32 -22.51 -18.51
C ASP B 53 17.03 -23.52 -19.49
N ARG B 54 16.22 -24.35 -20.15
CA ARG B 54 16.71 -25.52 -20.89
C ARG B 54 16.33 -25.39 -22.36
N PRO B 55 17.23 -24.85 -23.20
CA PRO B 55 16.81 -24.62 -24.59
C PRO B 55 16.39 -25.87 -25.32
N GLN B 56 15.49 -25.75 -26.28
CA GLN B 56 15.14 -26.87 -27.15
C GLN B 56 14.85 -26.36 -28.54
N GLU B 57 14.88 -27.28 -29.49
CA GLU B 57 14.56 -27.00 -30.87
C GLU B 57 13.05 -26.95 -30.93
N VAL B 58 12.55 -25.92 -31.60
CA VAL B 58 11.13 -25.70 -31.86
C VAL B 58 11.03 -25.36 -33.33
N SER B 59 10.05 -25.95 -33.97
CA SER B 59 9.85 -25.74 -35.39
C SER B 59 8.51 -25.07 -35.61
N TYR B 60 8.48 -24.09 -36.50
CA TYR B 60 7.20 -23.55 -36.94
C TYR B 60 7.17 -23.27 -38.43
N THR B 61 5.98 -22.98 -38.91
CA THR B 61 5.78 -22.58 -40.30
C THR B 61 4.55 -21.63 -40.48
N ASP B 62 4.17 -21.34 -41.73
CA ASP B 62 3.04 -20.44 -42.08
C ASP B 62 3.25 -19.06 -41.52
N THR B 63 4.46 -18.57 -41.68
CA THR B 63 4.91 -17.37 -41.03
C THR B 63 4.40 -16.20 -41.85
N LYS B 64 3.46 -15.44 -41.30
CA LYS B 64 2.99 -14.21 -41.96
C LYS B 64 3.26 -13.01 -41.08
N VAL B 65 3.74 -11.96 -41.74
CA VAL B 65 4.01 -10.69 -41.09
C VAL B 65 2.65 -10.14 -40.80
N ILE B 66 2.33 -9.86 -39.55
CA ILE B 66 1.02 -9.30 -39.28
C ILE B 66 1.09 -8.24 -38.26
N GLY B 67 1.99 -7.28 -38.51
CA GLY B 67 2.25 -6.15 -37.59
C GLY B 67 3.55 -5.40 -37.80
N ASN B 68 3.68 -4.23 -37.16
CA ASN B 68 4.97 -3.63 -36.73
C ASN B 68 4.80 -2.59 -35.62
N GLY B 69 5.92 -2.03 -35.19
CA GLY B 69 5.93 -1.00 -34.17
C GLY B 69 7.31 -0.41 -34.10
N SER B 70 7.52 0.42 -33.08
CA SER B 70 8.84 1.00 -32.87
C SER B 70 9.88 -0.11 -32.53
N PHE B 71 9.43 -1.12 -31.76
CA PHE B 71 10.21 -2.33 -31.39
C PHE B 71 10.83 -3.13 -32.57
N GLY B 72 10.05 -3.33 -33.62
CA GLY B 72 10.35 -4.31 -34.67
C GLY B 72 9.05 -4.80 -35.28
N VAL B 73 8.90 -6.11 -35.48
CA VAL B 73 7.73 -6.64 -36.23
C VAL B 73 7.12 -7.79 -35.50
N VAL B 74 5.82 -8.03 -35.72
CA VAL B 74 5.13 -9.17 -35.16
C VAL B 74 4.67 -10.12 -36.24
N TYR B 75 4.85 -11.43 -36.03
CA TYR B 75 4.44 -12.48 -37.00
C TYR B 75 3.44 -13.38 -36.37
N GLN B 76 2.77 -14.16 -37.22
CA GLN B 76 1.94 -15.26 -36.77
C GLN B 76 2.53 -16.51 -37.39
N ALA B 77 2.41 -17.63 -36.68
CA ALA B 77 2.88 -18.93 -37.14
C ALA B 77 2.17 -20.07 -36.47
N LYS B 78 2.42 -21.24 -37.04
CA LYS B 78 1.88 -22.49 -36.53
C LYS B 78 3.04 -23.34 -36.04
N LEU B 79 2.93 -23.81 -34.82
CA LEU B 79 3.92 -24.77 -34.27
C LEU B 79 3.77 -26.12 -34.97
N CYS B 80 4.87 -26.65 -35.53
CA CYS B 80 4.81 -27.93 -36.25
C CYS B 80 4.28 -29.05 -35.36
N ASP B 81 5.01 -29.33 -34.28
CA ASP B 81 4.62 -30.29 -33.23
C ASP B 81 3.10 -30.37 -32.98
N SER B 82 2.50 -29.31 -32.42
CA SER B 82 1.10 -29.32 -31.96
C SER B 82 0.08 -28.70 -32.91
N GLY B 83 0.53 -27.97 -33.93
CA GLY B 83 -0.38 -27.24 -34.82
C GLY B 83 -0.98 -25.95 -34.26
N GLU B 84 -0.62 -25.58 -33.05
CA GLU B 84 -1.25 -24.49 -32.30
C GLU B 84 -0.72 -23.19 -32.83
N LEU B 85 -1.57 -22.18 -32.97
CA LEU B 85 -1.13 -20.95 -33.59
C LEU B 85 -0.36 -20.14 -32.53
N VAL B 86 0.61 -19.33 -32.98
CA VAL B 86 1.32 -18.44 -32.08
C VAL B 86 1.68 -17.11 -32.68
N ALA B 87 1.88 -16.10 -31.82
CA ALA B 87 2.48 -14.83 -32.23
C ALA B 87 3.91 -14.74 -31.84
N ILE B 88 4.69 -14.17 -32.74
CA ILE B 88 6.09 -13.96 -32.56
C ILE B 88 6.43 -12.49 -32.76
N LYS B 89 6.93 -11.88 -31.70
CA LYS B 89 7.22 -10.50 -31.65
C LYS B 89 8.72 -10.41 -31.67
N LYS B 90 9.23 -9.87 -32.78
CA LYS B 90 10.66 -9.76 -32.99
C LYS B 90 11.12 -8.34 -32.67
N VAL B 91 12.12 -8.18 -31.81
CA VAL B 91 12.60 -6.87 -31.34
C VAL B 91 14.12 -6.82 -31.32
N LEU B 92 14.69 -5.69 -31.72
CA LEU B 92 16.15 -5.52 -31.80
C LEU B 92 16.63 -5.34 -30.38
N GLN B 93 17.52 -6.23 -29.94
CA GLN B 93 17.97 -6.18 -28.57
C GLN B 93 19.40 -5.77 -28.61
N ASP B 94 19.72 -4.73 -27.86
CA ASP B 94 21.09 -4.31 -27.67
C ASP B 94 21.77 -5.40 -26.83
N LYS B 95 22.85 -5.95 -27.37
CA LYS B 95 23.55 -7.03 -26.71
C LYS B 95 23.99 -6.59 -25.30
N ARG B 96 24.26 -5.28 -25.14
CA ARG B 96 24.58 -4.67 -23.83
C ARG B 96 23.51 -4.86 -22.72
N PHE B 97 22.21 -4.75 -23.05
CA PHE B 97 21.14 -4.65 -22.03
C PHE B 97 20.19 -5.83 -21.95
N LYS B 98 19.66 -6.05 -20.74
CA LYS B 98 18.53 -6.93 -20.52
C LYS B 98 17.28 -6.26 -21.10
N ASN B 99 16.31 -7.08 -21.50
CA ASN B 99 15.06 -6.63 -22.09
C ASN B 99 13.98 -6.72 -21.02
N ARG B 100 13.39 -5.58 -20.70
CA ARG B 100 12.45 -5.46 -19.56
C ARG B 100 11.22 -6.33 -19.79
N GLU B 101 10.65 -6.22 -21.00
CA GLU B 101 9.49 -7.01 -21.39
C GLU B 101 9.69 -8.52 -21.10
N LEU B 102 10.80 -9.05 -21.60
CA LEU B 102 11.18 -10.42 -21.30
C LEU B 102 11.30 -10.71 -19.78
N GLN B 103 12.01 -9.88 -19.01
CA GLN B 103 12.11 -10.11 -17.55
C GLN B 103 10.73 -10.31 -16.92
N ILE B 104 9.80 -9.46 -17.35
CA ILE B 104 8.46 -9.44 -16.83
C ILE B 104 7.74 -10.72 -17.26
N MET B 105 7.73 -11.01 -18.56
CA MET B 105 6.92 -12.12 -19.12
C MET B 105 7.26 -13.50 -18.52
N ARG B 106 8.55 -13.66 -18.22
CA ARG B 106 9.07 -14.84 -17.56
C ARG B 106 8.61 -15.04 -16.13
N LYS B 107 8.19 -14.00 -15.43
CA LYS B 107 7.64 -14.19 -14.08
C LYS B 107 6.17 -14.62 -14.09
N LEU B 108 5.45 -14.28 -15.15
CA LEU B 108 4.00 -14.33 -15.19
C LEU B 108 3.51 -15.67 -15.64
N ASP B 109 2.55 -16.23 -14.90
CA ASP B 109 1.89 -17.50 -15.24
C ASP B 109 0.47 -17.45 -14.71
N HIS B 110 -0.47 -17.10 -15.59
CA HIS B 110 -1.87 -16.83 -15.17
C HIS B 110 -2.81 -16.97 -16.34
N CYS B 111 -4.00 -17.48 -16.06
CA CYS B 111 -4.92 -17.87 -17.12
C CYS B 111 -5.43 -16.67 -17.97
N ASN B 112 -5.47 -15.51 -17.35
CA ASN B 112 -5.87 -14.25 -17.96
C ASN B 112 -4.71 -13.34 -18.41
N ILE B 113 -3.53 -13.94 -18.55
CA ILE B 113 -2.39 -13.31 -19.21
C ILE B 113 -1.83 -14.17 -20.30
N VAL B 114 -1.43 -13.53 -21.37
CA VAL B 114 -0.93 -14.16 -22.55
C VAL B 114 0.28 -14.93 -22.17
N ARG B 115 0.34 -16.21 -22.52
CA ARG B 115 1.47 -17.05 -22.15
C ARG B 115 2.64 -16.75 -23.06
N LEU B 116 3.80 -16.57 -22.47
CA LEU B 116 5.04 -16.61 -23.22
C LEU B 116 5.41 -18.07 -23.29
N ARG B 117 5.20 -18.67 -24.46
CA ARG B 117 5.57 -20.06 -24.71
C ARG B 117 7.08 -20.26 -24.68
N TYR B 118 7.79 -19.46 -25.48
CA TYR B 118 9.25 -19.60 -25.68
C TYR B 118 9.84 -18.24 -26.03
N PHE B 119 11.17 -18.17 -26.04
CA PHE B 119 11.87 -17.03 -26.59
C PHE B 119 13.18 -17.47 -27.19
N PHE B 120 13.66 -16.73 -28.17
CA PHE B 120 14.88 -17.07 -28.86
C PHE B 120 15.46 -15.90 -29.59
N TYR B 121 16.72 -16.01 -29.99
CA TYR B 121 17.43 -14.92 -30.66
C TYR B 121 17.67 -15.24 -32.15
N SER B 122 17.82 -14.19 -32.94
CA SER B 122 18.03 -14.36 -34.37
C SER B 122 18.80 -13.17 -34.92
N SER B 123 19.15 -13.21 -36.21
CA SER B 123 20.14 -12.28 -36.77
C SER B 123 19.56 -11.19 -37.63
N LYS B 127 24.86 -7.61 -39.66
CA LYS B 127 25.85 -6.70 -39.05
C LYS B 127 25.52 -6.41 -37.57
N ASP B 128 26.06 -7.22 -36.65
CA ASP B 128 25.79 -7.13 -35.17
C ASP B 128 24.31 -7.22 -34.75
N GLU B 129 23.45 -7.60 -35.69
CA GLU B 129 22.01 -7.45 -35.54
C GLU B 129 21.48 -8.64 -34.80
N VAL B 130 21.26 -8.45 -33.50
CA VAL B 130 20.63 -9.47 -32.65
C VAL B 130 19.17 -9.10 -32.39
N TYR B 131 18.22 -9.99 -32.75
CA TYR B 131 16.80 -9.79 -32.41
C TYR B 131 16.31 -10.83 -31.43
N LEU B 132 15.65 -10.35 -30.38
CA LEU B 132 14.88 -11.19 -29.49
C LEU B 132 13.52 -11.49 -30.11
N ASN B 133 13.09 -12.74 -30.03
CA ASN B 133 11.80 -13.18 -30.50
C ASN B 133 11.00 -13.73 -29.34
N LEU B 134 9.80 -13.20 -29.12
CA LEU B 134 8.90 -13.68 -28.08
C LEU B 134 7.76 -14.46 -28.75
N VAL B 135 7.56 -15.70 -28.29
CA VAL B 135 6.60 -16.59 -28.84
C VAL B 135 5.47 -16.66 -27.86
N LEU B 136 4.28 -16.30 -28.36
CA LEU B 136 3.14 -16.03 -27.51
C LEU B 136 1.92 -16.74 -28.01
N ASP B 137 1.03 -17.08 -27.10
CA ASP B 137 -0.31 -17.55 -27.48
C ASP B 137 -0.91 -16.59 -28.54
N TYR B 138 -1.41 -17.15 -29.64
CA TYR B 138 -2.25 -16.41 -30.56
C TYR B 138 -3.68 -16.55 -30.12
N VAL B 139 -4.39 -15.43 -30.00
CA VAL B 139 -5.80 -15.44 -29.74
C VAL B 139 -6.39 -14.57 -30.85
N PRO B 140 -7.56 -14.96 -31.43
CA PRO B 140 -7.85 -14.33 -32.76
C PRO B 140 -8.56 -12.98 -32.66
N GLU B 141 -9.23 -12.73 -31.54
CA GLU B 141 -9.96 -11.49 -31.39
C GLU B 141 -9.52 -10.70 -30.19
N THR B 142 -9.94 -9.43 -30.18
CA THR B 142 -9.64 -8.51 -29.11
C THR B 142 -10.94 -7.87 -28.67
N VAL B 143 -10.92 -7.30 -27.47
CA VAL B 143 -12.11 -6.68 -26.95
C VAL B 143 -12.44 -5.51 -27.85
N TYR B 144 -11.42 -4.84 -28.38
CA TYR B 144 -11.67 -3.75 -29.35
C TYR B 144 -12.39 -4.21 -30.62
N ARG B 145 -11.95 -5.30 -31.22
CA ARG B 145 -12.60 -5.74 -32.44
C ARG B 145 -14.04 -6.19 -32.21
N VAL B 146 -14.28 -6.86 -31.09
CA VAL B 146 -15.65 -7.27 -30.70
C VAL B 146 -16.55 -6.07 -30.41
N ALA B 147 -16.09 -5.17 -29.55
CA ALA B 147 -16.85 -3.97 -29.23
C ALA B 147 -17.21 -3.18 -30.48
N ARG B 148 -16.27 -3.13 -31.43
CA ARG B 148 -16.43 -2.35 -32.66
C ARG B 148 -17.56 -2.94 -33.52
N HIS B 149 -17.68 -4.26 -33.57
CA HIS B 149 -18.79 -4.88 -34.29
C HIS B 149 -20.12 -4.47 -33.72
N TYR B 150 -20.29 -4.57 -32.42
CA TYR B 150 -21.52 -4.07 -31.78
C TYR B 150 -21.78 -2.62 -32.14
N SER B 151 -20.78 -1.79 -31.94
CA SER B 151 -20.96 -0.39 -32.14
C SER B 151 -21.32 -0.02 -33.57
N ARG B 152 -20.67 -0.65 -34.56
CA ARG B 152 -20.97 -0.42 -35.97
C ARG B 152 -22.41 -0.75 -36.31
N ALA B 153 -22.90 -1.87 -35.80
CA ALA B 153 -24.33 -2.17 -35.85
C ALA B 153 -25.19 -1.33 -34.87
N LYS B 154 -24.72 -0.18 -34.42
CA LYS B 154 -25.44 0.65 -33.43
C LYS B 154 -25.95 -0.09 -32.19
N GLN B 155 -25.46 -1.29 -31.95
CA GLN B 155 -25.86 -2.08 -30.81
C GLN B 155 -24.84 -2.04 -29.69
N THR B 156 -25.24 -2.62 -28.57
CA THR B 156 -24.39 -2.65 -27.41
C THR B 156 -24.11 -4.09 -26.98
N LEU B 157 -22.94 -4.28 -26.39
CA LEU B 157 -22.49 -5.59 -25.94
C LEU B 157 -23.36 -6.07 -24.73
N PRO B 158 -23.95 -7.25 -24.84
CA PRO B 158 -24.66 -7.80 -23.69
C PRO B 158 -23.84 -7.74 -22.40
N VAL B 159 -24.52 -7.44 -21.31
CA VAL B 159 -23.92 -7.15 -20.03
C VAL B 159 -23.25 -8.35 -19.40
N ILE B 160 -23.64 -9.54 -19.81
CA ILE B 160 -23.01 -10.74 -19.24
C ILE B 160 -21.57 -10.79 -19.76
N TYR B 161 -21.34 -10.32 -21.00
CA TYR B 161 -20.00 -10.30 -21.60
C TYR B 161 -19.12 -9.20 -20.99
N VAL B 162 -19.71 -8.02 -20.84
CA VAL B 162 -19.14 -6.97 -19.99
C VAL B 162 -18.68 -7.54 -18.64
N LYS B 163 -19.52 -8.31 -17.97
CA LYS B 163 -19.11 -8.85 -16.65
C LYS B 163 -17.99 -9.82 -16.77
N LEU B 164 -18.12 -10.75 -17.71
CA LEU B 164 -17.01 -11.69 -17.97
C LEU B 164 -15.69 -11.06 -18.28
N TYR B 165 -15.70 -10.07 -19.15
CA TYR B 165 -14.45 -9.50 -19.61
C TYR B 165 -13.79 -8.66 -18.55
N MET B 166 -14.59 -7.85 -17.87
CA MET B 166 -14.05 -6.96 -16.85
C MET B 166 -13.53 -7.74 -15.66
N TYR B 167 -14.26 -8.78 -15.28
CA TYR B 167 -13.84 -9.62 -14.18
C TYR B 167 -12.46 -10.15 -14.42
N GLN B 168 -12.25 -10.71 -15.60
CA GLN B 168 -11.00 -11.38 -15.93
C GLN B 168 -9.88 -10.42 -16.07
N LEU B 169 -10.19 -9.22 -16.62
CA LEU B 169 -9.21 -8.17 -16.68
C LEU B 169 -8.77 -7.77 -15.25
N PHE B 170 -9.73 -7.46 -14.39
CA PHE B 170 -9.36 -7.13 -12.96
C PHE B 170 -8.58 -8.23 -12.30
N ARG B 171 -8.94 -9.46 -12.58
CA ARG B 171 -8.16 -10.57 -12.11
C ARG B 171 -6.71 -10.52 -12.64
N SER B 172 -6.48 -10.13 -13.89
CA SER B 172 -5.10 -10.10 -14.44
C SER B 172 -4.30 -8.97 -13.79
N LEU B 173 -4.95 -7.83 -13.60
CA LEU B 173 -4.36 -6.71 -12.89
C LEU B 173 -3.96 -7.08 -11.44
N ALA B 174 -4.89 -7.67 -10.68
CA ALA B 174 -4.59 -8.14 -9.32
C ALA B 174 -3.31 -8.96 -9.29
N TYR B 175 -3.20 -9.87 -10.23
CA TYR B 175 -2.04 -10.72 -10.28
C TYR B 175 -0.78 -9.93 -10.57
N ILE B 176 -0.78 -9.01 -11.56
CA ILE B 176 0.49 -8.36 -11.95
C ILE B 176 0.88 -7.27 -10.94
N HIS B 177 -0.10 -6.64 -10.36
CA HIS B 177 0.12 -5.72 -9.26
C HIS B 177 0.69 -6.35 -8.01
N SER B 178 0.22 -7.51 -7.64
CA SER B 178 0.85 -8.25 -6.54
C SER B 178 2.37 -8.45 -6.67
N PHE B 179 2.93 -8.42 -7.90
CA PHE B 179 4.41 -8.31 -8.12
C PHE B 179 4.95 -6.88 -8.20
N GLY B 180 4.13 -5.87 -7.99
CA GLY B 180 4.53 -4.49 -8.25
C GLY B 180 4.62 -4.08 -9.72
N ILE B 181 3.97 -4.79 -10.62
CA ILE B 181 4.14 -4.56 -12.05
C ILE B 181 2.94 -3.83 -12.57
N CYS B 182 3.16 -2.65 -13.16
CA CYS B 182 2.10 -1.87 -13.79
C CYS B 182 2.12 -2.11 -15.32
N HIS B 183 0.94 -2.40 -15.89
CA HIS B 183 0.89 -2.62 -17.33
C HIS B 183 1.12 -1.34 -18.16
N ARG B 184 0.53 -0.23 -17.69
CA ARG B 184 0.69 1.09 -18.32
C ARG B 184 0.29 1.19 -19.78
N ASP B 185 -0.57 0.29 -20.21
CA ASP B 185 -1.16 0.36 -21.54
C ASP B 185 -2.42 -0.50 -21.66
N ILE B 186 -3.25 -0.47 -20.61
CA ILE B 186 -4.52 -1.14 -20.60
C ILE B 186 -5.44 -0.36 -21.54
N LYS B 187 -5.85 -1.01 -22.62
CA LYS B 187 -6.85 -0.52 -23.53
C LYS B 187 -7.55 -1.73 -24.19
N PRO B 188 -8.67 -1.48 -24.88
CA PRO B 188 -9.38 -2.59 -25.49
C PRO B 188 -8.58 -3.30 -26.54
N GLN B 189 -7.69 -2.61 -27.25
CA GLN B 189 -6.90 -3.27 -28.28
C GLN B 189 -5.90 -4.28 -27.67
N ASN B 190 -5.65 -4.23 -26.35
CA ASN B 190 -4.67 -5.10 -25.71
C ASN B 190 -5.37 -6.14 -24.83
N LEU B 191 -6.62 -6.43 -25.11
CA LEU B 191 -7.32 -7.43 -24.38
C LEU B 191 -7.74 -8.48 -25.41
N LEU B 192 -6.96 -9.55 -25.47
CA LEU B 192 -7.22 -10.72 -26.28
C LEU B 192 -8.45 -11.49 -25.78
N LEU B 193 -9.18 -12.06 -26.73
CA LEU B 193 -10.51 -12.61 -26.47
C LEU B 193 -10.77 -13.83 -27.35
N ASP B 194 -10.99 -14.97 -26.73
CA ASP B 194 -11.46 -16.16 -27.44
C ASP B 194 -12.99 -16.10 -27.38
N PRO B 195 -13.64 -15.84 -28.52
CA PRO B 195 -15.12 -15.70 -28.51
C PRO B 195 -15.90 -16.97 -28.07
N ASP B 196 -15.43 -18.15 -28.50
CA ASP B 196 -16.07 -19.41 -28.08
C ASP B 196 -16.08 -19.64 -26.55
N THR B 197 -14.95 -19.41 -25.87
CA THR B 197 -14.77 -19.73 -24.45
C THR B 197 -14.97 -18.60 -23.48
N ALA B 198 -15.05 -17.39 -24.06
CA ALA B 198 -15.13 -16.15 -23.31
C ALA B 198 -13.88 -15.90 -22.46
N VAL B 199 -12.76 -16.46 -22.87
CA VAL B 199 -11.52 -16.26 -22.13
C VAL B 199 -10.85 -14.97 -22.59
N LEU B 200 -10.55 -14.14 -21.58
CA LEU B 200 -9.85 -12.87 -21.79
C LEU B 200 -8.41 -13.05 -21.34
N LYS B 201 -7.50 -12.49 -22.14
CA LYS B 201 -6.06 -12.50 -21.83
C LYS B 201 -5.39 -11.15 -22.07
N LEU B 202 -4.75 -10.60 -21.04
CA LEU B 202 -4.09 -9.31 -21.16
C LEU B 202 -2.81 -9.50 -21.95
N CYS B 203 -2.48 -8.64 -22.91
CA CYS B 203 -1.21 -8.84 -23.67
C CYS B 203 -0.49 -7.54 -23.90
N ASP B 204 0.59 -7.58 -24.71
CA ASP B 204 1.47 -6.45 -24.98
C ASP B 204 1.99 -5.79 -23.69
N PHE B 205 2.99 -6.43 -23.14
CA PHE B 205 3.67 -5.93 -21.94
C PHE B 205 4.84 -4.99 -22.25
N GLY B 206 4.86 -4.39 -23.46
CA GLY B 206 6.00 -3.56 -23.95
C GLY B 206 6.11 -2.18 -23.29
N SER B 207 5.03 -1.76 -22.63
CA SER B 207 5.03 -0.61 -21.78
C SER B 207 5.08 -0.95 -20.28
N ALA B 208 5.17 -2.21 -19.90
CA ALA B 208 4.95 -2.59 -18.52
C ALA B 208 6.23 -2.36 -17.72
N LYS B 209 6.09 -2.13 -16.42
CA LYS B 209 7.26 -1.90 -15.56
C LYS B 209 6.94 -2.16 -14.11
N GLN B 210 7.97 -2.57 -13.38
CA GLN B 210 7.91 -2.73 -11.94
C GLN B 210 8.01 -1.35 -11.28
N LEU B 211 6.96 -0.93 -10.59
CA LEU B 211 6.95 0.35 -9.86
C LEU B 211 7.54 0.17 -8.48
N VAL B 212 8.59 0.93 -8.18
CA VAL B 212 9.20 0.91 -6.85
C VAL B 212 9.05 2.28 -6.24
N ARG B 213 8.53 2.28 -5.00
CA ARG B 213 8.27 3.49 -4.19
C ARG B 213 9.54 4.36 -4.18
N GLY B 214 9.38 5.61 -4.58
CA GLY B 214 10.50 6.50 -4.64
C GLY B 214 11.12 6.67 -5.99
N GLU B 215 11.17 5.62 -6.83
CA GLU B 215 11.74 5.81 -8.19
C GLU B 215 10.75 6.62 -9.06
N PRO B 216 11.24 7.65 -9.75
CA PRO B 216 10.35 8.36 -10.64
C PRO B 216 10.14 7.57 -11.92
N ASN B 217 8.94 7.69 -12.47
CA ASN B 217 8.59 7.07 -13.73
C ASN B 217 7.97 8.07 -14.69
N VAL B 218 8.03 7.76 -15.98
CA VAL B 218 7.52 8.62 -17.08
C VAL B 218 6.00 8.85 -17.00
N SER B 219 5.62 10.13 -17.06
CA SER B 219 4.24 10.59 -17.21
C SER B 219 3.50 10.26 -18.52
N PTR B 220 4.13 10.43 -19.68
CA PTR B 220 3.43 10.35 -21.00
C PTR B 220 3.42 8.92 -21.46
O PTR B 220 4.28 8.51 -22.24
CB PTR B 220 4.05 11.21 -22.09
CG PTR B 220 3.20 11.34 -23.34
CD1 PTR B 220 2.06 12.15 -23.28
CD2 PTR B 220 3.55 10.75 -24.59
CE1 PTR B 220 1.24 12.35 -24.41
CE2 PTR B 220 2.75 10.98 -25.74
CZ PTR B 220 1.58 11.76 -25.63
OH PTR B 220 0.77 12.02 -26.70
P PTR B 220 -0.68 11.40 -26.90
O1P PTR B 220 -1.60 12.19 -25.98
O2P PTR B 220 -0.97 11.77 -28.33
O3P PTR B 220 -0.39 9.92 -26.68
N ILE B 221 2.42 8.21 -21.00
CA ILE B 221 2.34 6.77 -21.03
C ILE B 221 0.85 6.39 -21.05
N CYS B 222 0.56 5.16 -21.47
CA CYS B 222 -0.80 4.73 -21.86
C CYS B 222 -1.26 5.46 -23.10
N SER B 223 -2.38 4.98 -23.66
CA SER B 223 -3.08 5.68 -24.73
C SER B 223 -3.99 6.69 -24.16
N ARG B 224 -4.07 7.79 -24.92
CA ARG B 224 -4.65 8.99 -24.43
C ARG B 224 -6.01 8.80 -23.73
N TYR B 225 -6.89 8.04 -24.36
CA TYR B 225 -8.25 8.02 -23.91
C TYR B 225 -8.38 7.26 -22.57
N TYR B 226 -7.40 6.41 -22.28
CA TYR B 226 -7.39 5.56 -21.10
C TYR B 226 -6.39 6.08 -20.13
N ARG B 227 -5.93 7.32 -20.31
CA ARG B 227 -4.81 7.85 -19.55
C ARG B 227 -5.30 8.53 -18.24
N ALA B 228 -4.79 8.08 -17.10
CA ALA B 228 -5.27 8.57 -15.81
C ALA B 228 -4.86 10.05 -15.65
N PRO B 229 -5.61 10.82 -14.86
CA PRO B 229 -5.34 12.25 -14.80
C PRO B 229 -4.04 12.62 -14.07
N GLU B 230 -3.63 11.90 -13.05
CA GLU B 230 -2.25 12.01 -12.59
C GLU B 230 -1.27 12.17 -13.79
N LEU B 231 -1.36 11.28 -14.78
CA LEU B 231 -0.37 11.24 -15.85
C LEU B 231 -0.53 12.50 -16.66
N ILE B 232 -1.76 12.90 -16.99
CA ILE B 232 -1.97 14.13 -17.75
C ILE B 232 -1.32 15.34 -17.04
N PHE B 233 -1.45 15.37 -15.71
CA PHE B 233 -0.80 16.40 -14.89
C PHE B 233 0.73 16.24 -14.74
N GLY B 234 1.39 15.35 -15.49
CA GLY B 234 2.84 15.18 -15.38
C GLY B 234 3.38 14.40 -14.16
N ALA B 235 2.51 13.75 -13.37
CA ALA B 235 2.97 12.94 -12.24
C ALA B 235 3.99 11.90 -12.67
N THR B 236 5.02 11.75 -11.84
CA THR B 236 6.01 10.67 -11.98
C THR B 236 6.14 9.77 -10.77
N ASP B 237 5.36 10.02 -9.72
CA ASP B 237 5.25 9.19 -8.52
C ASP B 237 3.94 8.34 -8.53
N TYR B 238 3.42 8.01 -9.71
CA TYR B 238 2.13 7.27 -9.83
C TYR B 238 2.24 5.81 -9.41
N THR B 239 1.14 5.24 -9.03
CA THR B 239 1.13 3.83 -8.65
C THR B 239 0.40 3.04 -9.69
N SER B 240 0.27 1.77 -9.43
CA SER B 240 -0.35 0.89 -10.38
C SER B 240 -1.87 1.14 -10.45
N SER B 241 -2.42 2.11 -9.71
CA SER B 241 -3.82 2.49 -9.89
C SER B 241 -4.07 3.27 -11.17
N ILE B 242 -3.05 3.64 -11.94
CA ILE B 242 -3.32 4.13 -13.31
C ILE B 242 -3.95 3.04 -14.20
N ASP B 243 -3.54 1.79 -13.96
CA ASP B 243 -4.15 0.63 -14.56
C ASP B 243 -5.63 0.50 -14.25
N VAL B 244 -6.02 0.91 -13.07
CA VAL B 244 -7.40 0.77 -12.65
C VAL B 244 -8.23 1.86 -13.26
N TRP B 245 -7.69 3.06 -13.32
CA TRP B 245 -8.35 4.10 -14.08
C TRP B 245 -8.61 3.61 -15.51
N SER B 246 -7.58 3.02 -16.14
CA SER B 246 -7.72 2.62 -17.53
C SER B 246 -8.81 1.56 -17.69
N ALA B 247 -8.90 0.64 -16.74
CA ALA B 247 -9.96 -0.35 -16.74
C ALA B 247 -11.34 0.29 -16.65
N GLY B 248 -11.52 1.28 -15.78
CA GLY B 248 -12.76 2.02 -15.74
C GLY B 248 -13.12 2.54 -17.12
N CYS B 249 -12.15 3.09 -17.81
CA CYS B 249 -12.35 3.62 -19.16
C CYS B 249 -12.80 2.50 -20.11
N VAL B 250 -12.21 1.33 -20.00
CA VAL B 250 -12.73 0.18 -20.75
C VAL B 250 -14.17 -0.19 -20.38
N LEU B 251 -14.42 -0.40 -19.09
CA LEU B 251 -15.77 -0.70 -18.62
C LEU B 251 -16.77 0.31 -19.14
N ALA B 252 -16.53 1.56 -18.89
CA ALA B 252 -17.44 2.58 -19.39
C ALA B 252 -17.61 2.50 -20.90
N GLU B 253 -16.51 2.35 -21.64
CA GLU B 253 -16.61 2.21 -23.10
C GLU B 253 -17.59 1.09 -23.47
N LEU B 254 -17.42 -0.08 -22.86
CA LEU B 254 -18.27 -1.25 -23.15
C LEU B 254 -19.77 -0.98 -22.92
N LEU B 255 -20.11 -0.17 -21.94
CA LEU B 255 -21.50 0.27 -21.69
C LEU B 255 -22.00 1.38 -22.65
N LEU B 256 -21.14 2.33 -22.99
CA LEU B 256 -21.53 3.43 -23.87
C LEU B 256 -21.56 3.08 -25.30
N GLY B 257 -20.72 2.13 -25.69
CA GLY B 257 -20.52 1.87 -27.10
C GLY B 257 -19.42 2.68 -27.76
N GLN B 258 -18.75 3.51 -27.01
CA GLN B 258 -17.70 4.38 -27.54
C GLN B 258 -16.86 4.94 -26.39
N PRO B 259 -15.64 5.38 -26.71
CA PRO B 259 -14.79 5.85 -25.61
C PRO B 259 -15.45 6.98 -24.80
N ILE B 260 -15.38 6.87 -23.48
CA ILE B 260 -15.94 7.87 -22.63
C ILE B 260 -15.22 9.24 -22.65
N PHE B 261 -13.91 9.26 -22.82
CA PHE B 261 -13.14 10.51 -22.86
C PHE B 261 -12.35 10.61 -24.15
N PRO B 262 -13.03 10.83 -25.27
CA PRO B 262 -12.36 10.91 -26.58
C PRO B 262 -11.78 12.28 -26.72
N GLY B 263 -10.68 12.53 -26.07
CA GLY B 263 -10.14 13.89 -25.98
C GLY B 263 -9.10 14.32 -26.99
N ASP B 264 -8.95 15.63 -26.98
CA ASP B 264 -8.21 16.33 -27.98
C ASP B 264 -6.77 16.40 -27.48
N SER B 265 -5.93 17.01 -28.32
CA SER B 265 -4.69 17.70 -27.90
C SER B 265 -4.00 16.83 -26.88
N GLY B 266 -3.53 17.39 -25.78
CA GLY B 266 -2.99 16.64 -24.63
C GLY B 266 -3.71 16.99 -23.35
N VAL B 267 -4.04 18.27 -23.19
CA VAL B 267 -4.63 18.84 -21.97
C VAL B 267 -6.15 19.02 -22.12
N ASP B 268 -6.65 18.96 -23.36
CA ASP B 268 -8.09 18.94 -23.61
C ASP B 268 -8.66 17.55 -23.24
N GLN B 269 -7.78 16.56 -23.10
CA GLN B 269 -8.12 15.31 -22.49
C GLN B 269 -8.65 15.54 -21.07
N LEU B 270 -7.97 16.36 -20.26
CA LEU B 270 -8.53 16.73 -18.94
C LEU B 270 -9.91 17.36 -19.03
N VAL B 271 -10.07 18.21 -20.02
CA VAL B 271 -11.34 18.89 -20.27
C VAL B 271 -12.43 17.83 -20.50
N GLU B 272 -12.15 16.91 -21.43
CA GLU B 272 -13.06 15.78 -21.66
C GLU B 272 -13.42 15.03 -20.37
N ILE B 273 -12.41 14.72 -19.55
CA ILE B 273 -12.69 14.07 -18.26
C ILE B 273 -13.61 14.96 -17.42
N ILE B 274 -13.22 16.23 -17.28
CA ILE B 274 -14.02 17.22 -16.55
C ILE B 274 -15.46 17.26 -17.03
N LYS B 275 -15.69 17.32 -18.34
CA LYS B 275 -17.05 17.31 -18.89
C LYS B 275 -17.97 16.31 -18.22
N VAL B 276 -17.42 15.19 -17.75
CA VAL B 276 -18.17 14.15 -17.05
C VAL B 276 -17.98 14.19 -15.53
N LEU B 277 -16.76 14.11 -15.04
CA LEU B 277 -16.54 14.06 -13.63
C LEU B 277 -16.71 15.39 -12.90
N GLY B 278 -16.91 16.48 -13.65
CA GLY B 278 -16.86 17.81 -13.08
C GLY B 278 -15.43 18.13 -12.72
N THR B 279 -15.18 19.39 -12.31
CA THR B 279 -13.82 19.88 -12.02
C THR B 279 -13.24 19.25 -10.76
N PRO B 280 -11.92 18.97 -10.78
CA PRO B 280 -11.31 18.47 -9.56
C PRO B 280 -11.21 19.54 -8.52
N THR B 281 -11.63 19.22 -7.29
CA THR B 281 -11.36 20.05 -6.09
C THR B 281 -9.84 20.22 -5.94
N ARG B 282 -9.42 21.29 -5.27
CA ARG B 282 -7.99 21.55 -5.05
C ARG B 282 -7.31 20.38 -4.33
N GLU B 283 -8.07 19.76 -3.42
CA GLU B 283 -7.65 18.58 -2.67
C GLU B 283 -7.38 17.44 -3.63
N GLN B 284 -8.36 17.20 -4.49
CA GLN B 284 -8.18 16.29 -5.62
C GLN B 284 -6.95 16.57 -6.52
N ILE B 285 -6.66 17.84 -6.86
CA ILE B 285 -5.48 18.11 -7.71
C ILE B 285 -4.19 17.89 -6.94
N ARG B 286 -4.20 18.26 -5.67
CA ARG B 286 -3.11 18.00 -4.76
C ARG B 286 -2.80 16.50 -4.77
N GLU B 287 -3.84 15.67 -4.63
CA GLU B 287 -3.64 14.18 -4.63
C GLU B 287 -3.00 13.61 -5.91
N MET B 288 -3.27 14.25 -7.05
CA MET B 288 -2.76 13.79 -8.35
C MET B 288 -1.32 14.22 -8.62
N ASN B 289 -1.09 15.52 -8.81
CA ASN B 289 0.29 16.04 -8.93
C ASN B 289 0.62 16.90 -7.72
N PRO B 290 1.45 16.37 -6.79
CA PRO B 290 2.01 17.27 -5.76
C PRO B 290 2.91 18.39 -6.36
N ASN B 291 3.64 18.09 -7.43
CA ASN B 291 4.64 19.02 -8.01
C ASN B 291 4.08 19.81 -9.19
N PHE B 297 -7.64 26.07 -15.41
CA PHE B 297 -8.69 25.43 -16.21
C PHE B 297 -10.12 25.67 -15.61
N PRO B 298 -11.19 25.46 -16.42
CA PRO B 298 -12.54 25.93 -16.02
C PRO B 298 -13.22 25.11 -14.90
N GLN B 299 -14.16 25.74 -14.23
CA GLN B 299 -14.96 25.15 -13.13
C GLN B 299 -16.33 24.66 -13.65
N ILE B 300 -16.56 23.35 -13.60
CA ILE B 300 -17.75 22.73 -14.22
C ILE B 300 -18.43 21.76 -13.23
N LYS B 301 -19.76 21.63 -13.36
CA LYS B 301 -20.57 20.81 -12.44
C LYS B 301 -20.44 19.33 -12.77
N ALA B 302 -20.26 18.52 -11.73
CA ALA B 302 -20.27 17.06 -11.86
C ALA B 302 -21.55 16.60 -12.56
N HIS B 303 -21.39 16.10 -13.79
CA HIS B 303 -22.50 15.55 -14.60
C HIS B 303 -22.88 14.19 -13.96
N PRO B 304 -24.11 14.08 -13.40
CA PRO B 304 -24.37 12.96 -12.48
C PRO B 304 -24.25 11.57 -13.15
N TRP B 305 -23.53 10.66 -12.48
CA TRP B 305 -23.14 9.39 -13.08
C TRP B 305 -24.24 8.68 -13.81
N THR B 306 -25.35 8.54 -13.09
CA THR B 306 -26.52 7.84 -13.59
C THR B 306 -26.93 8.26 -15.03
N LYS B 307 -27.00 9.56 -15.31
CA LYS B 307 -27.40 10.07 -16.63
C LYS B 307 -26.26 10.13 -17.68
N VAL B 308 -25.09 9.60 -17.36
CA VAL B 308 -23.99 9.44 -18.35
C VAL B 308 -24.23 8.26 -19.27
N PHE B 309 -24.75 7.15 -18.72
CA PHE B 309 -25.05 5.96 -19.54
C PHE B 309 -26.50 5.82 -19.89
N ARG B 310 -26.74 5.09 -20.98
CA ARG B 310 -28.08 4.98 -21.57
C ARG B 310 -28.99 4.37 -20.50
N PRO B 311 -30.24 4.86 -20.39
CA PRO B 311 -31.05 4.37 -19.27
C PRO B 311 -31.30 2.85 -19.39
N ARG B 312 -31.65 2.24 -18.28
CA ARG B 312 -31.63 0.78 -18.15
C ARG B 312 -30.21 0.19 -18.20
N THR B 313 -29.17 0.99 -18.00
CA THR B 313 -27.83 0.47 -17.72
C THR B 313 -27.84 0.03 -16.27
N PRO B 314 -27.33 -1.19 -15.98
CA PRO B 314 -27.43 -1.67 -14.60
C PRO B 314 -26.85 -0.69 -13.58
N PRO B 315 -27.63 -0.32 -12.55
CA PRO B 315 -27.09 0.50 -11.45
C PRO B 315 -25.74 0.07 -10.89
N GLU B 316 -25.58 -1.22 -10.69
CA GLU B 316 -24.37 -1.78 -10.07
C GLU B 316 -23.15 -1.68 -11.04
N ALA B 317 -23.42 -1.67 -12.36
CA ALA B 317 -22.38 -1.39 -13.35
C ALA B 317 -21.85 0.04 -13.21
N ILE B 318 -22.77 0.97 -12.96
CA ILE B 318 -22.48 2.38 -12.81
C ILE B 318 -21.78 2.70 -11.49
N ALA B 319 -22.13 1.99 -10.41
CA ALA B 319 -21.47 2.23 -9.12
C ALA B 319 -20.02 1.78 -9.17
N LEU B 320 -19.76 0.69 -9.93
CA LEU B 320 -18.39 0.21 -10.11
C LEU B 320 -17.55 1.28 -10.86
N CYS B 321 -18.07 1.72 -11.99
CA CYS B 321 -17.49 2.84 -12.71
C CYS B 321 -17.04 3.99 -11.82
N SER B 322 -17.94 4.50 -10.99
CA SER B 322 -17.65 5.63 -10.07
C SER B 322 -16.54 5.37 -9.06
N ARG B 323 -16.28 4.12 -8.70
CA ARG B 323 -15.21 3.74 -7.75
C ARG B 323 -13.90 3.39 -8.42
N LEU B 324 -13.94 3.30 -9.76
CA LEU B 324 -12.74 3.14 -10.59
C LEU B 324 -12.30 4.48 -11.11
N LEU B 325 -13.25 5.23 -11.68
CA LEU B 325 -12.93 6.54 -12.29
C LEU B 325 -12.95 7.71 -11.31
N GLU B 326 -12.08 7.63 -10.31
CA GLU B 326 -11.95 8.62 -9.27
C GLU B 326 -10.68 9.43 -9.59
N TYR B 327 -10.77 10.74 -9.43
CA TYR B 327 -9.60 11.64 -9.55
C TYR B 327 -8.53 11.28 -8.57
N THR B 328 -8.91 10.98 -7.33
CA THR B 328 -7.93 10.66 -6.31
C THR B 328 -7.53 9.24 -6.51
N PRO B 329 -6.24 8.99 -6.78
CA PRO B 329 -5.75 7.62 -7.08
C PRO B 329 -6.03 6.58 -6.02
N THR B 330 -5.78 6.95 -4.77
CA THR B 330 -5.98 6.03 -3.65
C THR B 330 -7.45 5.77 -3.40
N ALA B 331 -8.34 6.65 -3.87
CA ALA B 331 -9.76 6.41 -3.67
C ALA B 331 -10.31 5.30 -4.55
N ARG B 332 -9.52 4.87 -5.53
CA ARG B 332 -9.98 3.94 -6.54
C ARG B 332 -9.95 2.59 -5.91
N LEU B 333 -10.88 1.73 -6.32
CA LEU B 333 -10.84 0.32 -5.96
C LEU B 333 -9.52 -0.33 -6.40
N THR B 334 -9.12 -1.38 -5.68
CA THR B 334 -8.00 -2.25 -6.08
C THR B 334 -8.55 -3.24 -7.10
N PRO B 335 -7.68 -3.86 -7.88
CA PRO B 335 -8.24 -4.86 -8.80
C PRO B 335 -9.08 -5.92 -8.06
N LEU B 336 -8.53 -6.50 -7.00
CA LEU B 336 -9.21 -7.51 -6.20
C LEU B 336 -10.53 -7.01 -5.60
N GLU B 337 -10.55 -5.78 -5.09
CA GLU B 337 -11.83 -5.22 -4.59
C GLU B 337 -12.82 -5.11 -5.71
N ALA B 338 -12.35 -4.71 -6.89
CA ALA B 338 -13.20 -4.63 -8.10
C ALA B 338 -13.76 -5.99 -8.50
N CYS B 339 -12.95 -7.03 -8.47
CA CYS B 339 -13.50 -8.39 -8.57
C CYS B 339 -14.62 -8.65 -7.55
N ALA B 340 -14.42 -8.32 -6.27
CA ALA B 340 -15.47 -8.49 -5.25
C ALA B 340 -16.79 -7.69 -5.44
N HIS B 341 -16.82 -6.74 -6.35
CA HIS B 341 -18.00 -5.87 -6.49
C HIS B 341 -19.29 -6.64 -6.84
N SER B 342 -20.41 -6.13 -6.34
CA SER B 342 -21.72 -6.73 -6.62
C SER B 342 -22.04 -6.84 -8.14
N PHE B 343 -21.32 -6.11 -9.00
CA PHE B 343 -21.61 -6.10 -10.44
C PHE B 343 -21.20 -7.45 -11.05
N PHE B 344 -20.24 -8.11 -10.43
CA PHE B 344 -19.88 -9.46 -10.82
C PHE B 344 -20.63 -10.59 -10.08
N ASP B 345 -21.76 -10.32 -9.41
CA ASP B 345 -22.41 -11.38 -8.58
C ASP B 345 -22.96 -12.48 -9.43
N GLU B 346 -23.54 -12.13 -10.59
CA GLU B 346 -24.04 -13.15 -11.52
C GLU B 346 -23.00 -14.22 -11.88
N LEU B 347 -21.71 -13.87 -11.85
CA LEU B 347 -20.66 -14.82 -12.13
C LEU B 347 -20.46 -15.82 -11.00
N ARG B 348 -20.71 -15.42 -9.76
CA ARG B 348 -20.58 -16.34 -8.64
C ARG B 348 -21.75 -17.33 -8.50
N ASP B 349 -22.87 -16.98 -9.13
CA ASP B 349 -24.06 -17.80 -9.15
C ASP B 349 -23.71 -19.19 -9.68
N PRO B 350 -24.03 -20.24 -8.89
CA PRO B 350 -23.83 -21.64 -9.30
C PRO B 350 -24.36 -22.00 -10.67
N ASN B 351 -25.46 -21.37 -11.10
CA ASN B 351 -26.10 -21.73 -12.35
C ASN B 351 -25.56 -21.10 -13.62
N VAL B 352 -24.63 -20.14 -13.49
CA VAL B 352 -24.37 -19.24 -14.57
C VAL B 352 -23.69 -19.98 -15.75
N LYS B 353 -24.03 -19.58 -16.96
CA LYS B 353 -23.53 -20.22 -18.15
C LYS B 353 -23.25 -19.15 -19.14
N LEU B 354 -22.46 -19.52 -20.12
CA LEU B 354 -22.24 -18.70 -21.27
C LEU B 354 -23.54 -18.67 -22.10
N PRO B 355 -23.71 -17.62 -22.91
CA PRO B 355 -24.82 -17.58 -23.85
C PRO B 355 -24.90 -18.70 -24.91
N ASN B 356 -23.79 -19.36 -25.19
CA ASN B 356 -23.77 -20.54 -26.07
C ASN B 356 -23.93 -21.83 -25.26
N GLY B 357 -24.26 -21.70 -23.97
CA GLY B 357 -24.63 -22.84 -23.15
C GLY B 357 -23.48 -23.55 -22.49
N ARG B 358 -22.26 -23.30 -22.95
CA ARG B 358 -21.07 -23.84 -22.30
C ARG B 358 -20.91 -23.27 -20.89
N ASP B 359 -19.98 -23.84 -20.14
CA ASP B 359 -19.61 -23.31 -18.84
C ASP B 359 -18.70 -22.08 -19.00
N THR B 360 -18.63 -21.31 -17.93
CA THR B 360 -17.78 -20.17 -17.87
C THR B 360 -16.37 -20.66 -17.83
N PRO B 361 -15.44 -19.86 -18.34
CA PRO B 361 -14.04 -20.20 -18.07
C PRO B 361 -13.70 -20.07 -16.55
N ALA B 362 -12.49 -20.51 -16.21
CA ALA B 362 -11.86 -20.37 -14.89
C ALA B 362 -12.10 -19.00 -14.30
N LEU B 363 -12.79 -18.94 -13.17
CA LEU B 363 -13.05 -17.65 -12.52
C LEU B 363 -12.59 -17.56 -11.07
N PHE B 364 -12.35 -18.72 -10.43
CA PHE B 364 -12.19 -18.81 -8.95
C PHE B 364 -10.95 -19.47 -8.45
N ASN B 365 -10.23 -20.17 -9.32
CA ASN B 365 -8.93 -20.74 -9.02
C ASN B 365 -7.88 -19.71 -8.67
N PHE B 366 -8.13 -18.93 -7.64
CA PHE B 366 -7.17 -17.92 -7.21
C PHE B 366 -6.05 -18.62 -6.47
N THR B 367 -4.81 -18.26 -6.78
CA THR B 367 -3.69 -18.63 -5.91
C THR B 367 -3.58 -17.64 -4.73
N THR B 368 -2.70 -17.93 -3.77
CA THR B 368 -2.46 -17.02 -2.62
C THR B 368 -1.64 -15.81 -3.02
N GLN B 369 -0.67 -16.02 -3.91
CA GLN B 369 -0.03 -14.91 -4.61
C GLN B 369 -1.08 -13.87 -5.09
N GLU B 370 -2.13 -14.37 -5.72
CA GLU B 370 -3.20 -13.54 -6.29
C GLU B 370 -3.98 -12.77 -5.24
N LEU B 371 -4.24 -13.44 -4.12
CA LEU B 371 -5.03 -12.89 -3.02
C LEU B 371 -4.24 -12.06 -1.99
N SER B 372 -2.92 -11.95 -2.18
CA SER B 372 -2.02 -11.31 -1.21
C SER B 372 -2.46 -9.91 -0.76
N SER B 373 -2.92 -9.10 -1.70
CA SER B 373 -3.43 -7.76 -1.35
C SER B 373 -4.58 -7.75 -0.27
N ASN B 374 -5.36 -8.82 -0.13
CA ASN B 374 -6.46 -8.83 0.85
C ASN B 374 -7.10 -10.21 0.98
N PRO B 375 -6.39 -11.17 1.63
CA PRO B 375 -6.86 -12.55 1.73
C PRO B 375 -8.27 -12.77 2.30
N PRO B 376 -8.71 -11.96 3.28
CA PRO B 376 -10.12 -12.01 3.65
C PRO B 376 -11.12 -12.04 2.48
N LEU B 377 -10.79 -11.38 1.37
CA LEU B 377 -11.71 -11.28 0.22
C LEU B 377 -12.12 -12.58 -0.46
N ALA B 378 -11.33 -13.65 -0.27
CA ALA B 378 -11.74 -15.05 -0.61
C ALA B 378 -13.16 -15.39 -0.16
N THR B 379 -13.57 -14.97 1.02
CA THR B 379 -14.92 -15.29 1.49
C THR B 379 -15.99 -14.75 0.52
N ILE B 380 -15.67 -13.72 -0.28
CA ILE B 380 -16.53 -13.33 -1.40
C ILE B 380 -16.04 -13.94 -2.72
N LEU B 381 -14.75 -13.85 -3.01
CA LEU B 381 -14.30 -14.13 -4.37
C LEU B 381 -14.47 -15.58 -4.80
N ILE B 382 -14.29 -16.50 -3.85
CA ILE B 382 -14.49 -17.94 -4.07
C ILE B 382 -15.83 -18.37 -3.46
N PRO B 383 -16.90 -18.43 -4.26
CA PRO B 383 -18.18 -18.79 -3.67
C PRO B 383 -18.23 -20.25 -3.18
N PRO B 384 -19.18 -20.56 -2.28
CA PRO B 384 -19.42 -21.90 -1.75
C PRO B 384 -19.30 -23.04 -2.73
N HIS B 385 -19.91 -22.90 -3.91
CA HIS B 385 -19.94 -24.01 -4.88
C HIS B 385 -18.63 -24.40 -5.61
N ALA B 386 -17.48 -23.83 -5.24
CA ALA B 386 -16.19 -24.26 -5.80
C ALA B 386 -15.14 -24.23 -4.71
N ARG B 387 -14.81 -25.40 -4.15
CA ARG B 387 -13.63 -25.59 -3.27
C ARG B 387 -13.47 -27.05 -2.82
C29 6VL C . 0.24 5.87 33.14
C26 6VL C . 2.39 7.78 28.84
C25 6VL C . 3.26 6.77 29.27
C28 6VL C . 0.88 7.25 30.66
C27 6VL C . 1.21 8.01 29.52
C24 6VL C . 2.91 6.01 30.37
C23 6VL C . 1.12 3.93 31.90
C31 6VL C . 0.09 5.24 34.53
C15 6VL C . 1.43 5.35 32.31
C14 6VL C . 4.66 4.04 34.40
C6 6VL C . 1.93 2.86 32.21
C9 6VL C . 3.12 6.54 33.87
C11 6VL C . 5.22 5.41 34.75
C12 6VL C . 6.12 5.87 33.59
O 6VL C . 2.66 7.56 33.45
C10 6VL C . 4.15 6.48 35.00
C13 6VL C . 6.07 5.25 36.01
C7 6VL C . 3.46 4.06 33.47
N2 6VL C . 3.08 2.90 32.89
N1 6VL C . 1.35 1.75 31.69
N 6VL C . 0.13 2.14 31.06
C5 6VL C . -0.01 3.48 31.17
C8 6VL C . 2.66 5.29 33.22
C30 6VL C . 1.73 6.22 31.09
C29 6VL D . -0.26 -10.00 -32.54
C26 6VL D . -2.00 -6.49 -29.19
C25 6VL D . -3.06 -7.34 -29.42
C28 6VL D . -0.62 -7.81 -30.61
C27 6VL D . -0.77 -6.71 -29.79
C24 6VL D . -2.92 -8.46 -30.23
C23 6VL D . -1.68 -11.16 -30.91
C31 6VL D . -0.19 -11.09 -33.60
C15 6VL D . -1.58 -9.92 -31.74
C14 6VL D . -5.07 -10.75 -33.54
C6 6VL D . -2.78 -11.97 -30.92
C9 6VL D . -2.83 -8.81 -33.75
C11 6VL D . -5.24 -9.38 -34.21
C12 6VL D . -5.72 -8.38 -33.13
O 6VL D . -2.09 -7.84 -33.69
C10 6VL D . -3.91 -8.91 -34.82
C13 6VL D . -6.25 -9.52 -35.37
C7 6VL D . -3.89 -10.80 -32.59
N2 6VL D . -3.87 -11.73 -31.63
N1 6VL D . -2.56 -13.01 -30.07
N 6VL D . -1.24 -12.81 -29.52
C5 6VL D . -0.70 -11.71 -30.06
C8 6VL D . -2.75 -9.86 -32.70
C30 6VL D . -1.69 -8.71 -30.84
#